data_7WLJ
#
_entry.id   7WLJ
#
_cell.length_a   1.00
_cell.length_b   1.00
_cell.length_c   1.00
_cell.angle_alpha   90.00
_cell.angle_beta   90.00
_cell.angle_gamma   90.00
#
_symmetry.space_group_name_H-M   'P 1'
#
loop_
_entity.id
_entity.type
_entity.pdbx_description
1 polymer 'Voltage-dependent T-type calcium channel subunit alpha-1I'
2 non-polymer '(1S,2S)-2-(2-{[3-(1H-benzimidazol-2-yl)propyl](methyl)amino}ethyl)-6-fluoro-1-(propan-2-yl)-1,2,3,4-tetrahydronaphthalen-2-yl methoxyacetate'
3 non-polymer 1,2-Distearoyl-sn-glycerophosphoethanolamine
4 non-polymer 'CALCIUM ION'
5 non-polymer 'CHOLESTEROL HEMISUCCINATE'
6 non-polymer 2-acetamido-2-deoxy-beta-D-glucopyranose
#
_entity_poly.entity_id   1
_entity_poly.type   'polypeptide(L)'
_entity_poly.pdbx_seq_one_letter_code
;MAESASPPSSSAAAPAAEPGVTTEQPGPRSPPSSPPGLEEPLDGADPHVPHPDLAPIAFFCLRQTTSPRNWCIKMVCNPW
FECVSMLVILLNCVTLGMYQPCDDMDCLSDRCKILQVFDDFIFIFFAMEMVLKMVALGIFGKKCYLGDTWNRLDFFIVMA
GMVEYSLDLQNINLSAIRTVRVLRPLKAINRVPSMRILVNLLLDTLPMLGNVLLLCFFVFFIFGIIGVQLWAGLLRNRCF
LEENFTIQGDVALPPYYQPEEDDEMPFICSLSGDNGIMGCHEIPPLKEQGRECCLSKDDVYDFGAGRQDLNASGLCVNWN
RYYNVCRTGSANPHKGAINFDNIGYAWIVIFQVITLEGWVEIMYYVMDAHSFYNFIYFILLIIVGSFFMINLCLVVIATQ
FSETKQREHRLMLEQRQRYLSSSTVASYAEPGDCYEEIFQYVCHILRKAKRRALGLYQALQSRRQALGPEAPAPAKPGPH
AKEPRHYHGKTKGQGDEGRHLGSRHCQTLHGPASPGNDHSGRELCPQHSPLDATPHTLVQPIPATLASDPASCPCCQHED
GRRPSGLGSTDSGQEGSGSGSSAGGEDEADGDGARSSEDGASSELGKEEEEEEQADGAVWLCGDVWRETRAKLRGIVDSK
YFNRGIMMAILVNTVSMGIEHHEQPEELTNILEICNVVFTSMFALEMILKLAAFGLFDYLRNPYNIFDSIIVIISIWEIV
GQADGGLSVLRTFRLLRVLKLVRFMPALRRQLVVLMKTMDNVATFCMLLMLFIFIFSILGMHIFGCKFSLRTDTGDTVPD
RKNFDSLLWAIVTVFQILTQEDWNVVLYNGMASTSPWASLYFVALMTFGNYVLFNLLVAILVEGFQAEGDANRSYSDEDQ
SSSNIEEFDKLQEGLDSSGDPKLCPIPMTPNGHLDPSLPLGGHLGPAGAAGPAPRLSLQPDPMLVALGSRKSSVMSLGRM
SYDQRSLSSSRSSYYGPWGRSAAWASRRSSWNSLKHKPPSAEHESLLSAERGGGARVCEVAADEGPPRAAPLHTPHAHHI
HHGPHLAHRHRHHRRTLSLDNRDSVDLAELVPAVGAHPRAAWRAAGPAPGHEDCNGRMPSIAKDVFTKMGDRGDRGEDEE
EIDYTLCFRVRKMIDVYKPDWCEVREDWSVYLFSPENRFRVLCQTIIAHKLFDYVVLAFIFLNCITIALERPQIEAGSTE
RIFLTVSNYIFTAIFVGEMTLKVVSLGLYFGEQAYLRSSWNVLDGFLVFVSIIDIVVSLASAGGAKILGVLRVLRLLRTL
RPLRVISRAPGLKLVVETLISSLKPIGNIVLICCAFFIIFGILGVQLFKGKFYHCLGVDTRNITNRSDCMAANYRWVHHK
YNFDNLGQALMSLFVLASKDGWVNIMYNGLDAVAVDQQPVTNHNPWMLLYFISFLLIVSFFVLNMFVGVVVENFHKCRQH
QEAEEARRREEKRLRRLEKKRRKAQRLPYYATYCHTRLLIHSMCTSHYLDIFITFIICLNVVTMSLEHYNQPTSLETALK
YCNYMFTTVFVLEAVLKLVAFGLRRFFKDRWNQLDLAIVLLSVMGITLEEIEINAALPINPTIIRIMRVLRIARVLKLLK
MATGMRALLDTVVQALPQVGNLGLLFMLLFFIYAALGVELFGKLVCNDENPCEGMSRHATFENFGMAFLTLFQVSTGDNW
NGIMKDTLRDCTHDERSCLSSLQFVSPLYFVSFVLTAQFVLINVVVAVLMKHLDDSNKEAQEDAEMDAELELEMAHGLGP
GPRLPTGSPGAPGRGPGGAGGGGDTEGGLCRRCYSPAQENLWLDSVSLIIKDSLEGELTIIDNLSGSIFHHYSSPAGCKK
CHHDKQEVQLAETEAFSLNSDRSSSILLGDDLSLEDPTACPPGRKDSKGELDPPEPMRVGDLGECFFPLSSTAVSPDPEN
FLCEMEEIPFNPVRSWLKHDSSQAPPSPFSPDASSPLLPMPAEFFHPAVSASQKGPEKGTGTGTLPKIALQGSWASLRSP
RVNCTLLRQATGSDTSLDASPSSSAGSLQTTLEDSLTLSDSPRRALGPPAPAPGPRAGLSPAARRRLSLRGRGLFSLRGL
RAHQRSHSSGGSTSPGCTHHDSMDPSDEEGRGGAGGGGAGSEHSETLSSLSLTSLFCPPPPPPAPGLTPARKFSSTSSLA
APGRPHAAALAHGLARSPSWAADRSKDPPGRAPLPMGLGPLAPPPQPLPGELEPGDAASKRKR
;
_entity_poly.pdbx_strand_id   A
#
# COMPACT_ATOMS: atom_id res chain seq x y z
N THR A 66 -34.84 44.34 -8.15
CA THR A 66 -35.46 45.36 -9.00
C THR A 66 -36.12 44.74 -10.21
N SER A 67 -36.89 45.54 -10.94
CA SER A 67 -37.56 45.04 -12.15
C SER A 67 -36.57 44.51 -13.19
N PRO A 68 -35.47 45.21 -13.53
CA PRO A 68 -34.51 44.60 -14.47
C PRO A 68 -33.95 43.28 -13.98
N ARG A 69 -33.71 43.15 -12.67
CA ARG A 69 -33.28 41.86 -12.13
C ARG A 69 -34.34 40.79 -12.34
N ASN A 70 -35.62 41.15 -12.11
CA ASN A 70 -36.71 40.18 -12.21
C ASN A 70 -36.88 39.63 -13.62
N TRP A 71 -36.35 40.32 -14.64
CA TRP A 71 -36.51 39.86 -16.00
C TRP A 71 -35.81 38.51 -16.22
N CYS A 72 -34.64 38.33 -15.63
CA CYS A 72 -33.85 37.12 -15.83
C CYS A 72 -34.02 36.08 -14.73
N ILE A 73 -34.83 36.35 -13.70
CA ILE A 73 -34.98 35.41 -12.60
C ILE A 73 -35.59 34.10 -13.08
N LYS A 74 -36.53 34.17 -14.02
CA LYS A 74 -37.30 32.99 -14.37
C LYS A 74 -36.42 31.86 -14.91
N MET A 75 -35.46 32.18 -15.76
CA MET A 75 -34.62 31.14 -16.34
C MET A 75 -33.61 30.61 -15.34
N VAL A 76 -32.99 31.49 -14.55
CA VAL A 76 -31.94 31.05 -13.64
C VAL A 76 -32.52 30.15 -12.55
N CYS A 77 -33.76 30.43 -12.14
CA CYS A 77 -34.42 29.58 -11.15
C CYS A 77 -35.05 28.33 -11.78
N ASN A 78 -35.16 28.29 -13.10
CA ASN A 78 -35.73 27.13 -13.77
C ASN A 78 -34.76 25.95 -13.67
N PRO A 79 -35.18 24.82 -13.11
CA PRO A 79 -34.28 23.64 -13.06
C PRO A 79 -33.83 23.17 -14.43
N TRP A 80 -34.62 23.46 -15.48
CA TRP A 80 -34.19 23.15 -16.84
C TRP A 80 -32.84 23.79 -17.16
N PHE A 81 -32.58 24.97 -16.59
CA PHE A 81 -31.30 25.63 -16.83
C PHE A 81 -30.14 24.82 -16.24
N GLU A 82 -30.30 24.31 -15.02
CA GLU A 82 -29.28 23.43 -14.45
C GLU A 82 -29.13 22.15 -15.26
N CYS A 83 -30.23 21.58 -15.73
CA CYS A 83 -30.15 20.36 -16.51
C CYS A 83 -29.39 20.59 -17.82
N VAL A 84 -29.67 21.71 -18.50
CA VAL A 84 -28.96 21.98 -19.75
C VAL A 84 -27.52 22.39 -19.47
N SER A 85 -27.25 22.95 -18.29
CA SER A 85 -25.87 23.23 -17.91
C SER A 85 -25.09 21.93 -17.73
N MET A 86 -25.70 20.93 -17.10
CA MET A 86 -25.08 19.60 -17.06
C MET A 86 -24.95 19.00 -18.45
N LEU A 87 -25.90 19.31 -19.33
CA LEU A 87 -25.76 18.89 -20.73
C LEU A 87 -24.49 19.46 -21.34
N VAL A 88 -24.25 20.76 -21.15
CA VAL A 88 -23.07 21.36 -21.76
C VAL A 88 -21.80 20.91 -21.04
N ILE A 89 -21.88 20.60 -19.75
CA ILE A 89 -20.72 20.04 -19.05
C ILE A 89 -20.36 18.67 -19.63
N LEU A 90 -21.37 17.84 -19.89
CA LEU A 90 -21.11 16.56 -20.53
C LEU A 90 -20.57 16.73 -21.93
N LEU A 91 -21.06 17.72 -22.66
CA LEU A 91 -20.48 18.04 -23.97
C LEU A 91 -19.01 18.42 -23.83
N ASN A 92 -18.68 19.19 -22.79
CA ASN A 92 -17.28 19.54 -22.54
C ASN A 92 -16.44 18.31 -22.25
N CYS A 93 -16.98 17.38 -21.45
CA CYS A 93 -16.25 16.15 -21.18
C CYS A 93 -16.02 15.36 -22.47
N VAL A 94 -17.02 15.32 -23.34
CA VAL A 94 -16.85 14.63 -24.62
C VAL A 94 -15.79 15.33 -25.47
N THR A 95 -15.84 16.66 -25.54
CA THR A 95 -14.86 17.39 -26.35
C THR A 95 -13.45 17.18 -25.83
N LEU A 96 -13.27 17.22 -24.51
CA LEU A 96 -11.96 16.91 -23.95
C LEU A 96 -11.59 15.46 -24.19
N GLY A 97 -12.58 14.59 -24.38
CA GLY A 97 -12.31 13.19 -24.64
C GLY A 97 -11.59 12.93 -25.95
N MET A 98 -12.02 13.57 -27.03
CA MET A 98 -11.54 13.24 -28.37
C MET A 98 -10.16 13.81 -28.68
N TYR A 99 -9.50 14.44 -27.73
CA TYR A 99 -8.16 14.97 -27.97
C TYR A 99 -7.19 13.83 -28.25
N GLN A 100 -6.35 14.01 -29.28
CA GLN A 100 -5.37 13.00 -29.70
C GLN A 100 -3.99 13.65 -29.77
N PRO A 101 -3.30 13.82 -28.64
CA PRO A 101 -1.98 14.47 -28.69
C PRO A 101 -0.97 13.71 -29.53
N CYS A 102 -1.19 12.42 -29.78
CA CYS A 102 -0.32 11.69 -30.68
C CYS A 102 -0.44 12.21 -32.11
N ASP A 103 -1.66 12.55 -32.54
CA ASP A 103 -1.91 12.89 -33.94
C ASP A 103 -2.26 14.35 -34.18
N ASP A 104 -2.73 15.08 -33.16
CA ASP A 104 -3.23 16.43 -33.35
C ASP A 104 -2.07 17.43 -33.36
N MET A 105 -1.30 17.39 -34.44
CA MET A 105 -0.28 18.39 -34.73
C MET A 105 -0.92 19.59 -35.41
N ASP A 106 -0.99 20.71 -34.70
CA ASP A 106 -1.40 22.01 -35.23
C ASP A 106 -2.85 22.04 -35.72
N CYS A 107 -3.60 20.95 -35.50
CA CYS A 107 -5.03 20.89 -35.81
C CYS A 107 -5.29 21.05 -37.31
N LEU A 108 -4.42 20.46 -38.13
CA LEU A 108 -4.62 20.45 -39.59
C LEU A 108 -5.44 19.24 -40.01
N SER A 109 -6.63 19.13 -39.41
CA SER A 109 -7.54 18.04 -39.71
C SER A 109 -8.96 18.51 -39.43
N ASP A 110 -9.93 17.76 -39.96
CA ASP A 110 -11.33 18.13 -39.81
C ASP A 110 -11.75 18.09 -38.34
N ARG A 111 -11.67 16.91 -37.72
CA ARG A 111 -12.22 16.72 -36.38
C ARG A 111 -11.67 17.75 -35.40
N CYS A 112 -10.40 18.13 -35.54
CA CYS A 112 -9.87 19.22 -34.72
C CYS A 112 -10.69 20.48 -34.92
N LYS A 113 -11.01 20.81 -36.18
CA LYS A 113 -11.78 22.01 -36.47
C LYS A 113 -13.20 21.92 -35.91
N ILE A 114 -13.86 20.77 -36.05
CA ILE A 114 -15.21 20.65 -35.51
C ILE A 114 -15.19 20.75 -33.98
N LEU A 115 -14.19 20.16 -33.33
CA LEU A 115 -14.09 20.31 -31.88
C LEU A 115 -13.82 21.76 -31.49
N GLN A 116 -13.02 22.48 -32.28
CA GLN A 116 -12.84 23.91 -32.03
C GLN A 116 -14.16 24.66 -32.14
N VAL A 117 -14.97 24.33 -33.15
CA VAL A 117 -16.28 24.96 -33.28
C VAL A 117 -17.14 24.65 -32.07
N PHE A 118 -17.16 23.39 -31.65
CA PHE A 118 -18.02 22.98 -30.55
C PHE A 118 -17.62 23.67 -29.25
N ASP A 119 -16.33 23.66 -28.91
CA ASP A 119 -15.96 24.26 -27.63
C ASP A 119 -16.03 25.78 -27.69
N ASP A 120 -15.89 26.37 -28.88
CA ASP A 120 -16.18 27.80 -29.01
C ASP A 120 -17.64 28.11 -28.71
N PHE A 121 -18.57 27.34 -29.30
CA PHE A 121 -19.98 27.54 -29.00
C PHE A 121 -20.26 27.33 -27.52
N ILE A 122 -19.65 26.31 -26.91
CA ILE A 122 -19.92 26.03 -25.52
C ILE A 122 -19.36 27.13 -24.63
N PHE A 123 -18.20 27.68 -25.00
CA PHE A 123 -17.67 28.84 -24.28
C PHE A 123 -18.61 30.03 -24.40
N ILE A 124 -19.22 30.20 -25.57
CA ILE A 124 -20.21 31.27 -25.72
C ILE A 124 -21.39 31.03 -24.78
N PHE A 125 -21.84 29.78 -24.69
CA PHE A 125 -22.90 29.44 -23.74
C PHE A 125 -22.48 29.70 -22.30
N PHE A 126 -21.24 29.37 -21.96
CA PHE A 126 -20.74 29.62 -20.62
C PHE A 126 -20.74 31.11 -20.32
N ALA A 127 -20.29 31.92 -21.27
CA ALA A 127 -20.25 33.37 -21.07
C ALA A 127 -21.65 33.92 -20.89
N MET A 128 -22.60 33.52 -21.74
CA MET A 128 -23.95 34.06 -21.62
C MET A 128 -24.58 33.64 -20.29
N GLU A 129 -24.46 32.35 -19.93
CA GLU A 129 -25.08 31.91 -18.68
C GLU A 129 -24.44 32.59 -17.48
N MET A 130 -23.12 32.77 -17.49
CA MET A 130 -22.46 33.44 -16.38
C MET A 130 -22.94 34.88 -16.26
N VAL A 131 -22.87 35.64 -17.36
CA VAL A 131 -23.25 37.05 -17.28
C VAL A 131 -24.71 37.21 -16.89
N LEU A 132 -25.59 36.34 -17.40
CA LEU A 132 -26.99 36.41 -16.99
C LEU A 132 -27.14 36.13 -15.51
N LYS A 133 -26.42 35.14 -14.99
CA LYS A 133 -26.63 34.78 -13.60
C LYS A 133 -25.97 35.78 -12.65
N MET A 134 -24.98 36.55 -13.12
CA MET A 134 -24.57 37.69 -12.32
C MET A 134 -25.60 38.82 -12.37
N VAL A 135 -26.08 39.17 -13.57
CA VAL A 135 -26.94 40.33 -13.70
C VAL A 135 -28.32 40.03 -13.14
N ALA A 136 -28.61 38.75 -12.89
CA ALA A 136 -29.85 38.37 -12.23
C ALA A 136 -29.67 38.01 -10.77
N LEU A 137 -28.46 38.10 -10.22
CA LEU A 137 -28.26 37.76 -8.82
C LEU A 137 -27.39 38.78 -8.10
N GLY A 138 -26.69 39.65 -8.82
CA GLY A 138 -25.79 40.61 -8.21
C GLY A 138 -24.38 40.07 -8.05
N ILE A 139 -23.48 40.97 -7.66
CA ILE A 139 -22.05 40.71 -7.63
C ILE A 139 -21.50 41.19 -6.29
N PHE A 140 -20.47 40.50 -5.79
CA PHE A 140 -19.71 40.91 -4.62
C PHE A 140 -20.61 40.97 -3.39
N GLY A 141 -21.11 39.81 -2.96
CA GLY A 141 -21.94 39.74 -1.78
C GLY A 141 -22.16 38.31 -1.38
N LYS A 142 -22.51 38.12 -0.10
CA LYS A 142 -22.78 36.77 0.41
C LYS A 142 -23.94 36.14 -0.34
N LYS A 143 -25.00 36.90 -0.57
CA LYS A 143 -26.09 36.39 -1.40
C LYS A 143 -25.78 36.49 -2.89
N CYS A 144 -24.86 37.38 -3.27
CA CYS A 144 -24.61 37.66 -4.68
C CYS A 144 -23.90 36.49 -5.35
N TYR A 145 -23.51 36.72 -6.61
CA TYR A 145 -22.83 35.69 -7.40
C TYR A 145 -21.66 35.08 -6.64
N LEU A 146 -20.84 35.92 -6.01
CA LEU A 146 -19.70 35.41 -5.26
C LEU A 146 -20.16 34.93 -3.88
N GLY A 147 -21.17 34.08 -3.85
CA GLY A 147 -21.64 33.51 -2.61
C GLY A 147 -21.02 32.15 -2.36
N ASP A 148 -21.14 31.26 -3.34
CA ASP A 148 -20.55 29.94 -3.23
C ASP A 148 -19.17 29.92 -3.88
N THR A 149 -18.30 29.05 -3.35
CA THR A 149 -16.96 28.90 -3.90
C THR A 149 -17.03 28.49 -5.37
N TRP A 150 -17.92 27.55 -5.69
CA TRP A 150 -18.02 27.06 -7.06
C TRP A 150 -18.44 28.13 -8.04
N ASN A 151 -19.28 29.09 -7.64
CA ASN A 151 -19.59 30.20 -8.54
C ASN A 151 -18.34 31.02 -8.85
N ARG A 152 -17.52 31.29 -7.82
CA ARG A 152 -16.25 31.98 -8.03
C ARG A 152 -15.33 31.15 -8.94
N LEU A 153 -15.30 29.84 -8.72
CA LEU A 153 -14.53 28.97 -9.61
C LEU A 153 -15.02 29.09 -11.05
N ASP A 154 -16.34 29.08 -11.24
CA ASP A 154 -16.90 29.17 -12.59
C ASP A 154 -16.50 30.48 -13.25
N PHE A 155 -16.56 31.57 -12.49
CA PHE A 155 -16.05 32.84 -13.00
C PHE A 155 -14.58 32.71 -13.38
N PHE A 156 -13.82 31.92 -12.62
CA PHE A 156 -12.41 31.71 -12.95
C PHE A 156 -12.26 30.99 -14.29
N ILE A 157 -13.07 29.96 -14.52
CA ILE A 157 -13.04 29.32 -15.85
C ILE A 157 -13.40 30.32 -16.94
N VAL A 158 -14.41 31.16 -16.69
CA VAL A 158 -14.84 32.10 -17.72
C VAL A 158 -13.70 33.06 -18.07
N MET A 159 -13.07 33.63 -17.04
CA MET A 159 -11.98 34.58 -17.30
C MET A 159 -10.78 33.90 -17.94
N ALA A 160 -10.44 32.69 -17.49
CA ALA A 160 -9.32 31.97 -18.10
C ALA A 160 -9.59 31.67 -19.57
N GLY A 161 -10.81 31.24 -19.89
CA GLY A 161 -11.14 30.98 -21.28
C GLY A 161 -11.12 32.24 -22.12
N MET A 162 -11.59 33.36 -21.56
CA MET A 162 -11.52 34.63 -22.28
C MET A 162 -10.07 35.01 -22.58
N VAL A 163 -9.19 34.87 -21.57
CA VAL A 163 -7.78 35.19 -21.77
C VAL A 163 -7.18 34.27 -22.83
N GLU A 164 -7.50 32.98 -22.78
CA GLU A 164 -6.93 32.04 -23.74
C GLU A 164 -7.42 32.35 -25.15
N TYR A 165 -8.70 32.69 -25.30
CA TYR A 165 -9.21 33.05 -26.62
C TYR A 165 -8.52 34.31 -27.15
N SER A 166 -8.35 35.31 -26.28
CA SER A 166 -7.67 36.54 -26.69
C SER A 166 -6.24 36.24 -27.13
N LEU A 167 -5.54 35.41 -26.37
CA LEU A 167 -4.17 35.04 -26.72
C LEU A 167 -4.14 34.29 -28.04
N ASP A 168 -5.11 33.40 -28.28
CA ASP A 168 -5.19 32.69 -29.54
C ASP A 168 -5.37 33.66 -30.70
N LEU A 169 -6.20 34.69 -30.52
CA LEU A 169 -6.29 35.74 -31.53
C LEU A 169 -4.94 36.44 -31.71
N GLN A 170 -4.13 36.50 -30.66
CA GLN A 170 -2.81 37.11 -30.78
C GLN A 170 -1.75 36.16 -31.33
N ASN A 171 -2.16 34.98 -31.79
CA ASN A 171 -1.30 34.07 -32.55
C ASN A 171 -0.14 33.53 -31.72
N ILE A 172 -0.33 33.43 -30.40
CA ILE A 172 0.65 32.83 -29.51
C ILE A 172 0.01 31.58 -28.91
N ASN A 173 0.59 30.42 -29.21
CA ASN A 173 0.04 29.14 -28.75
C ASN A 173 0.04 29.06 -27.23
N LEU A 174 1.22 29.05 -26.62
CA LEU A 174 1.39 29.02 -25.17
C LEU A 174 0.50 27.96 -24.52
N SER A 175 0.80 26.70 -24.84
CA SER A 175 -0.02 25.58 -24.38
C SER A 175 0.26 25.34 -22.90
N ALA A 176 -0.02 26.38 -22.10
CA ALA A 176 0.07 26.32 -20.65
C ALA A 176 -1.20 26.91 -20.07
N ILE A 177 -2.00 27.54 -20.94
CA ILE A 177 -3.32 28.02 -20.57
C ILE A 177 -4.31 27.01 -21.12
N ARG A 178 -3.89 26.25 -22.13
CA ARG A 178 -4.63 25.07 -22.54
C ARG A 178 -4.58 24.00 -21.47
N THR A 179 -3.73 24.15 -20.47
CA THR A 179 -3.72 23.33 -19.28
C THR A 179 -4.87 23.71 -18.31
N VAL A 180 -5.70 24.67 -18.72
CA VAL A 180 -6.88 25.04 -17.95
C VAL A 180 -8.14 24.40 -18.54
N ARG A 181 -8.14 24.05 -19.83
CA ARG A 181 -9.21 23.27 -20.43
C ARG A 181 -9.61 22.09 -19.55
N VAL A 182 -8.63 21.46 -18.90
CA VAL A 182 -8.87 20.29 -18.07
C VAL A 182 -9.75 20.59 -16.87
N LEU A 183 -9.65 21.78 -16.28
CA LEU A 183 -10.34 22.07 -15.05
C LEU A 183 -11.85 22.27 -15.25
N ARG A 184 -12.32 22.31 -16.49
CA ARG A 184 -13.73 22.59 -16.73
C ARG A 184 -14.67 21.53 -16.16
N PRO A 185 -14.46 20.22 -16.35
CA PRO A 185 -15.40 19.25 -15.76
C PRO A 185 -15.51 19.32 -14.25
N LEU A 186 -14.64 20.09 -13.59
CA LEU A 186 -14.75 20.26 -12.15
C LEU A 186 -15.97 21.10 -11.79
N LYS A 187 -16.66 21.67 -12.78
CA LYS A 187 -17.85 22.48 -12.52
C LYS A 187 -19.06 21.64 -12.17
N ALA A 188 -19.01 20.32 -12.37
CA ALA A 188 -20.19 19.48 -12.21
C ALA A 188 -20.67 19.37 -10.77
N ILE A 189 -19.79 19.52 -9.78
CA ILE A 189 -20.15 19.24 -8.40
C ILE A 189 -21.29 20.15 -7.94
N ASN A 190 -21.15 21.47 -8.17
CA ASN A 190 -22.09 22.42 -7.57
C ASN A 190 -23.53 22.21 -8.01
N ARG A 191 -23.76 21.62 -9.17
CA ARG A 191 -25.12 21.42 -9.67
C ARG A 191 -25.56 19.97 -9.60
N VAL A 192 -24.88 19.14 -8.82
CA VAL A 192 -25.35 17.79 -8.53
C VAL A 192 -25.49 17.70 -7.02
N PRO A 193 -26.70 17.48 -6.51
CA PRO A 193 -26.94 17.70 -5.07
C PRO A 193 -26.15 16.77 -4.17
N SER A 194 -26.19 15.47 -4.44
CA SER A 194 -25.42 14.54 -3.60
C SER A 194 -23.94 14.84 -3.68
N MET A 195 -23.43 15.08 -4.90
CA MET A 195 -22.03 15.47 -5.04
C MET A 195 -21.74 16.76 -4.29
N ARG A 196 -22.62 17.75 -4.41
CA ARG A 196 -22.36 19.02 -3.75
C ARG A 196 -22.28 18.85 -2.24
N ILE A 197 -23.21 18.08 -1.67
CA ILE A 197 -23.21 17.84 -0.23
C ILE A 197 -21.94 17.10 0.18
N LEU A 198 -21.61 16.01 -0.51
CA LEU A 198 -20.45 15.21 -0.10
C LEU A 198 -19.16 16.02 -0.21
N VAL A 199 -19.00 16.75 -1.32
CA VAL A 199 -17.79 17.54 -1.50
C VAL A 199 -17.74 18.68 -0.51
N ASN A 200 -18.90 19.25 -0.14
CA ASN A 200 -18.92 20.29 0.87
C ASN A 200 -18.47 19.76 2.21
N LEU A 201 -18.93 18.56 2.59
CA LEU A 201 -18.42 17.94 3.82
C LEU A 201 -16.93 17.68 3.73
N LEU A 202 -16.45 17.22 2.57
CA LEU A 202 -15.01 16.99 2.40
C LEU A 202 -14.22 18.27 2.60
N LEU A 203 -14.62 19.34 1.93
CA LEU A 203 -13.93 20.61 2.06
C LEU A 203 -14.02 21.16 3.48
N ASP A 204 -15.16 20.99 4.15
CA ASP A 204 -15.31 21.52 5.49
C ASP A 204 -14.51 20.72 6.52
N THR A 205 -14.23 19.44 6.25
CA THR A 205 -13.36 18.67 7.12
C THR A 205 -11.89 18.75 6.71
N LEU A 206 -11.59 19.32 5.54
CA LEU A 206 -10.21 19.54 5.15
C LEU A 206 -9.41 20.38 6.13
N PRO A 207 -9.88 21.53 6.63
CA PRO A 207 -9.01 22.37 7.46
C PRO A 207 -8.50 21.70 8.72
N MET A 208 -9.11 20.60 9.14
CA MET A 208 -8.64 19.88 10.33
C MET A 208 -7.59 18.83 10.01
N LEU A 209 -7.13 18.75 8.76
CA LEU A 209 -5.95 17.98 8.40
C LEU A 209 -4.67 18.80 8.40
N GLY A 210 -4.73 20.07 8.77
CA GLY A 210 -3.51 20.85 8.89
C GLY A 210 -2.50 20.22 9.84
N ASN A 211 -2.97 19.53 10.87
CA ASN A 211 -2.06 18.93 11.84
C ASN A 211 -1.33 17.74 11.24
N VAL A 212 -2.05 16.84 10.57
CA VAL A 212 -1.36 15.74 9.92
C VAL A 212 -0.47 16.26 8.80
N LEU A 213 -0.86 17.35 8.15
CA LEU A 213 0.01 17.97 7.15
C LEU A 213 1.31 18.49 7.76
N LEU A 214 1.23 19.11 8.93
CA LEU A 214 2.44 19.62 9.57
C LEU A 214 3.33 18.48 10.05
N LEU A 215 2.73 17.41 10.55
CA LEU A 215 3.53 16.26 10.96
C LEU A 215 4.16 15.59 9.73
N CYS A 216 3.46 15.65 8.59
CA CYS A 216 4.03 15.19 7.33
C CYS A 216 5.20 16.08 6.91
N PHE A 217 5.06 17.38 7.11
CA PHE A 217 6.18 18.30 6.94
C PHE A 217 7.38 17.85 7.75
N PHE A 218 7.17 17.49 9.01
CA PHE A 218 8.25 16.92 9.81
C PHE A 218 8.86 15.70 9.13
N VAL A 219 8.06 14.65 8.93
CA VAL A 219 8.62 13.38 8.49
C VAL A 219 9.36 13.53 7.17
N PHE A 220 8.92 14.42 6.28
CA PHE A 220 9.73 14.73 5.12
C PHE A 220 10.99 15.51 5.48
N PHE A 221 10.89 16.52 6.33
CA PHE A 221 11.99 17.45 6.47
C PHE A 221 13.18 16.85 7.21
N ILE A 222 12.94 16.19 8.34
CA ILE A 222 14.07 15.60 9.08
C ILE A 222 14.79 14.56 8.22
N PHE A 223 14.03 13.64 7.63
CA PHE A 223 14.67 12.60 6.83
C PHE A 223 15.32 13.17 5.57
N GLY A 224 14.73 14.21 4.97
CA GLY A 224 15.34 14.81 3.80
C GLY A 224 16.64 15.53 4.12
N ILE A 225 16.68 16.25 5.24
CA ILE A 225 17.92 16.90 5.64
C ILE A 225 18.99 15.86 5.93
N ILE A 226 18.62 14.78 6.63
CA ILE A 226 19.59 13.71 6.86
C ILE A 226 20.08 13.15 5.55
N GLY A 227 19.18 12.94 4.59
CA GLY A 227 19.58 12.39 3.31
C GLY A 227 20.51 13.30 2.54
N VAL A 228 20.19 14.59 2.48
CA VAL A 228 21.00 15.52 1.69
C VAL A 228 22.35 15.73 2.35
N GLN A 229 22.43 15.61 3.68
CA GLN A 229 23.73 15.80 4.33
C GLN A 229 24.56 14.53 4.30
N LEU A 230 23.93 13.36 4.26
CA LEU A 230 24.69 12.12 4.13
C LEU A 230 25.15 11.89 2.70
N TRP A 231 24.22 11.81 1.75
CA TRP A 231 24.52 11.27 0.43
C TRP A 231 24.44 12.34 -0.65
N ALA A 232 25.03 13.50 -0.39
CA ALA A 232 24.94 14.62 -1.33
C ALA A 232 25.67 14.26 -2.61
N GLY A 233 24.91 13.99 -3.66
CA GLY A 233 25.48 13.66 -4.95
C GLY A 233 26.26 12.37 -5.00
N LEU A 234 26.16 11.53 -3.96
CA LEU A 234 26.94 10.30 -3.95
C LEU A 234 26.47 9.33 -5.01
N LEU A 235 25.15 9.23 -5.21
CA LEU A 235 24.57 8.25 -6.12
C LEU A 235 25.20 8.27 -7.51
N ARG A 236 25.81 9.38 -7.92
CA ARG A 236 26.36 9.50 -9.26
C ARG A 236 27.44 8.47 -9.56
N ASN A 237 28.34 8.20 -8.61
CA ASN A 237 29.65 7.65 -8.92
C ASN A 237 29.60 6.28 -9.58
N ARG A 238 29.94 6.21 -10.85
CA ARG A 238 30.15 4.95 -11.54
C ARG A 238 31.64 4.62 -11.58
N CYS A 239 31.94 3.37 -11.92
CA CYS A 239 33.31 2.87 -11.91
C CYS A 239 33.98 3.23 -13.23
N PHE A 240 34.86 4.24 -13.19
CA PHE A 240 35.53 4.76 -14.38
C PHE A 240 36.70 3.88 -14.80
N LEU A 241 37.29 4.24 -15.93
CA LEU A 241 38.53 3.64 -16.39
C LEU A 241 39.72 4.41 -15.82
N GLU A 242 40.92 3.97 -16.20
CA GLU A 242 42.13 4.63 -15.77
C GLU A 242 42.20 6.06 -16.35
N GLU A 243 42.79 6.96 -15.57
CA GLU A 243 42.93 8.34 -16.01
C GLU A 243 43.79 8.44 -17.26
N ASN A 244 44.85 7.65 -17.32
CA ASN A 244 45.65 7.49 -18.54
C ASN A 244 45.55 6.02 -18.95
N PHE A 245 44.52 5.72 -19.73
CA PHE A 245 44.26 4.36 -20.20
C PHE A 245 44.93 4.15 -21.55
N THR A 246 45.38 2.92 -21.79
CA THR A 246 46.06 2.55 -23.03
C THR A 246 45.19 1.59 -23.81
N ILE A 247 44.80 1.99 -25.02
CA ILE A 247 44.05 1.15 -25.94
C ILE A 247 44.60 1.35 -27.34
N GLN A 248 44.73 0.25 -28.10
CA GLN A 248 45.33 0.34 -29.43
C GLN A 248 44.40 1.04 -30.42
N GLY A 249 43.10 0.79 -30.34
CA GLY A 249 42.17 1.38 -31.26
C GLY A 249 40.83 0.67 -31.22
N ASP A 250 39.92 1.16 -32.05
CA ASP A 250 38.55 0.65 -32.12
C ASP A 250 37.92 0.63 -30.72
N VAL A 251 37.90 1.81 -30.11
CA VAL A 251 37.51 1.95 -28.72
C VAL A 251 36.00 1.81 -28.59
N ALA A 252 35.55 0.62 -28.24
CA ALA A 252 34.15 0.37 -27.91
C ALA A 252 33.89 0.42 -26.41
N LEU A 253 34.91 0.69 -25.61
CA LEU A 253 34.76 0.69 -24.16
C LEU A 253 34.21 2.03 -23.69
N PRO A 254 33.05 2.05 -23.02
CA PRO A 254 32.56 3.31 -22.46
C PRO A 254 33.46 3.77 -21.33
N PRO A 255 33.40 5.06 -20.98
CA PRO A 255 34.26 5.54 -19.89
C PRO A 255 34.05 4.82 -18.58
N TYR A 256 32.83 4.40 -18.28
CA TYR A 256 32.60 3.61 -17.08
C TYR A 256 31.88 2.32 -17.42
N TYR A 257 31.47 1.56 -16.41
CA TYR A 257 30.87 0.25 -16.59
C TYR A 257 29.38 0.31 -16.33
N GLN A 258 28.59 -0.29 -17.22
CA GLN A 258 27.17 -0.48 -17.02
C GLN A 258 26.84 -1.95 -17.29
N PRO A 259 26.25 -2.66 -16.33
CA PRO A 259 25.86 -4.05 -16.60
C PRO A 259 24.84 -4.18 -17.71
N GLU A 260 23.72 -3.48 -17.60
CA GLU A 260 22.70 -3.45 -18.63
C GLU A 260 22.94 -2.26 -19.57
N GLU A 261 22.41 -2.39 -20.78
CA GLU A 261 22.52 -1.31 -21.75
C GLU A 261 21.67 -0.12 -21.31
N ASP A 262 22.09 1.08 -21.73
CA ASP A 262 21.35 2.32 -21.48
C ASP A 262 21.22 2.63 -20.00
N ASP A 263 22.17 2.14 -19.19
CA ASP A 263 22.21 2.42 -17.76
C ASP A 263 20.91 1.99 -17.08
N GLU A 264 20.38 0.83 -17.51
CA GLU A 264 19.13 0.34 -16.95
C GLU A 264 19.28 -0.05 -15.50
N MET A 265 20.36 -0.74 -15.15
CA MET A 265 20.67 -1.14 -13.78
C MET A 265 22.08 -0.68 -13.45
N PRO A 266 22.24 0.52 -12.90
CA PRO A 266 23.59 1.06 -12.66
C PRO A 266 24.35 0.23 -11.63
N PHE A 267 25.64 0.56 -11.53
CA PHE A 267 26.58 -0.15 -10.67
C PHE A 267 27.31 0.82 -9.72
N ILE A 268 26.54 1.64 -9.01
CA ILE A 268 27.09 2.66 -8.11
C ILE A 268 28.16 2.06 -7.22
N CYS A 269 29.36 2.62 -7.28
CA CYS A 269 30.51 2.13 -6.53
C CYS A 269 30.48 2.70 -5.12
N SER A 270 31.57 2.50 -4.39
CA SER A 270 31.83 3.18 -3.13
C SER A 270 33.12 3.96 -3.27
N LEU A 271 33.09 5.24 -2.91
CA LEU A 271 34.29 6.05 -3.02
C LEU A 271 35.37 5.55 -2.08
N SER A 272 36.62 5.71 -2.49
CA SER A 272 37.74 5.38 -1.62
C SER A 272 37.67 6.24 -0.37
N GLY A 273 37.76 5.62 0.80
CA GLY A 273 37.61 6.35 2.04
C GLY A 273 36.22 6.22 2.62
N ASP A 274 35.22 6.16 1.75
CA ASP A 274 33.83 5.97 2.17
C ASP A 274 33.49 4.48 2.01
N ASN A 275 33.38 3.77 3.13
CA ASN A 275 33.25 2.32 3.12
C ASN A 275 31.81 1.90 2.80
N GLY A 276 31.55 1.75 1.50
CA GLY A 276 30.33 1.12 1.04
C GLY A 276 30.45 -0.39 1.04
N ILE A 277 29.89 -1.03 0.02
CA ILE A 277 30.05 -2.47 -0.13
C ILE A 277 30.66 -2.79 -1.50
N MET A 278 30.13 -2.18 -2.56
CA MET A 278 30.62 -2.40 -3.91
C MET A 278 31.80 -1.46 -4.17
N GLY A 279 33.02 -2.00 -4.09
CA GLY A 279 34.21 -1.20 -4.26
C GLY A 279 34.97 -1.47 -5.55
N CYS A 280 34.24 -1.73 -6.64
CA CYS A 280 34.74 -1.91 -8.00
C CYS A 280 35.56 -3.18 -8.19
N HIS A 281 35.80 -3.97 -7.15
CA HIS A 281 36.45 -5.27 -7.31
C HIS A 281 35.47 -6.42 -7.27
N GLU A 282 34.17 -6.13 -7.15
CA GLU A 282 33.12 -7.13 -7.22
C GLU A 282 32.46 -7.19 -8.59
N ILE A 283 33.06 -6.56 -9.59
CA ILE A 283 32.45 -6.46 -10.92
C ILE A 283 32.31 -7.86 -11.51
N PRO A 284 31.24 -8.15 -12.25
CA PRO A 284 31.11 -9.45 -12.89
C PRO A 284 32.16 -9.64 -13.98
N PRO A 285 32.93 -10.73 -13.92
CA PRO A 285 33.88 -11.02 -14.99
C PRO A 285 33.13 -11.33 -16.28
N LEU A 286 33.44 -10.58 -17.34
CA LEU A 286 32.77 -10.75 -18.61
C LEU A 286 32.99 -12.15 -19.17
N LYS A 287 31.91 -12.77 -19.63
CA LYS A 287 32.00 -14.09 -20.24
C LYS A 287 31.10 -14.17 -21.47
N CYS A 316 38.86 -15.67 -23.87
CA CYS A 316 39.63 -14.54 -24.37
C CYS A 316 40.20 -13.71 -23.23
N VAL A 317 39.74 -12.46 -23.12
CA VAL A 317 40.20 -11.52 -22.11
C VAL A 317 38.98 -10.86 -21.49
N ASN A 318 39.04 -10.62 -20.18
CA ASN A 318 38.00 -9.86 -19.49
C ASN A 318 38.34 -8.38 -19.48
N TRP A 319 37.75 -7.60 -20.39
CA TRP A 319 38.01 -6.16 -20.38
C TRP A 319 37.50 -5.49 -19.10
N ASN A 320 36.45 -6.03 -18.49
CA ASN A 320 35.81 -5.35 -17.36
C ASN A 320 36.78 -5.08 -16.22
N ARG A 321 37.76 -5.96 -16.03
CA ARG A 321 38.73 -5.79 -14.94
C ARG A 321 39.45 -4.44 -15.00
N TYR A 322 39.39 -3.75 -16.14
CA TYR A 322 40.07 -2.48 -16.31
C TYR A 322 39.29 -1.31 -15.73
N TYR A 323 38.03 -1.51 -15.37
CA TYR A 323 37.24 -0.47 -14.67
C TYR A 323 37.68 -0.47 -13.22
N ASN A 324 38.75 0.28 -12.94
CA ASN A 324 39.41 0.19 -11.64
C ASN A 324 38.93 1.27 -10.66
N VAL A 325 39.13 2.54 -11.01
CA VAL A 325 38.87 3.65 -10.10
C VAL A 325 37.54 4.28 -10.46
N CYS A 326 36.81 4.72 -9.43
CA CYS A 326 35.47 5.27 -9.60
C CYS A 326 35.39 6.67 -8.98
N ARG A 327 34.82 7.61 -9.72
CA ARG A 327 34.64 8.98 -9.29
C ARG A 327 33.18 9.39 -9.51
N THR A 328 32.86 10.63 -9.12
CA THR A 328 31.46 11.02 -8.89
C THR A 328 30.90 11.89 -10.02
N GLY A 329 31.38 11.69 -11.23
CA GLY A 329 30.86 12.52 -12.30
C GLY A 329 30.19 11.77 -13.43
N SER A 330 28.86 11.82 -13.46
CA SER A 330 28.05 11.27 -14.54
C SER A 330 26.59 11.59 -14.22
N ALA A 331 25.66 11.12 -15.05
CA ALA A 331 24.23 11.29 -14.72
C ALA A 331 23.90 10.43 -13.50
N ASN A 332 22.71 10.62 -12.91
CA ASN A 332 22.35 9.89 -11.67
C ASN A 332 21.41 8.74 -12.02
N PRO A 333 21.22 7.73 -11.14
CA PRO A 333 20.38 6.58 -11.46
C PRO A 333 18.95 6.90 -11.90
N HIS A 334 18.35 6.01 -12.70
CA HIS A 334 16.96 6.21 -13.19
C HIS A 334 16.84 7.52 -13.97
N LYS A 335 17.66 7.68 -15.03
CA LYS A 335 17.57 8.83 -15.92
C LYS A 335 17.52 10.15 -15.14
N GLY A 336 18.34 10.22 -14.09
CA GLY A 336 18.42 11.43 -13.29
C GLY A 336 17.13 11.79 -12.60
N ALA A 337 16.56 10.85 -11.86
CA ALA A 337 15.34 11.10 -11.10
C ALA A 337 15.40 10.66 -9.65
N ILE A 338 16.30 9.76 -9.28
CA ILE A 338 16.44 9.28 -7.91
C ILE A 338 17.86 9.59 -7.48
N ASN A 339 18.03 10.67 -6.74
CA ASN A 339 19.34 11.08 -6.25
C ASN A 339 19.13 12.00 -5.06
N PHE A 340 20.21 12.26 -4.32
CA PHE A 340 20.14 13.12 -3.16
C PHE A 340 20.95 14.39 -3.36
N ASP A 341 20.98 14.89 -4.60
CA ASP A 341 21.69 16.13 -4.91
C ASP A 341 21.08 17.32 -4.17
N ASN A 342 19.86 17.68 -4.54
CA ASN A 342 19.17 18.81 -3.91
C ASN A 342 18.26 18.27 -2.80
N ILE A 343 17.40 19.13 -2.26
CA ILE A 343 16.39 18.69 -1.31
C ILE A 343 15.10 18.27 -2.00
N GLY A 344 14.80 18.80 -3.19
CA GLY A 344 13.62 18.36 -3.91
C GLY A 344 13.69 16.90 -4.27
N TYR A 345 14.83 16.45 -4.80
CA TYR A 345 14.97 15.04 -5.13
C TYR A 345 14.93 14.18 -3.88
N ALA A 346 15.49 14.67 -2.78
CA ALA A 346 15.42 13.93 -1.53
C ALA A 346 13.97 13.76 -1.10
N TRP A 347 13.16 14.80 -1.24
CA TRP A 347 11.75 14.67 -0.90
C TRP A 347 11.04 13.71 -1.85
N ILE A 348 11.44 13.69 -3.12
CA ILE A 348 10.86 12.73 -4.06
C ILE A 348 11.17 11.30 -3.62
N VAL A 349 12.41 11.06 -3.20
CA VAL A 349 12.79 9.73 -2.72
C VAL A 349 12.00 9.35 -1.48
N ILE A 350 11.84 10.30 -0.55
CA ILE A 350 11.05 10.04 0.65
C ILE A 350 9.62 9.73 0.28
N PHE A 351 9.08 10.43 -0.73
CA PHE A 351 7.74 10.13 -1.19
C PHE A 351 7.66 8.73 -1.77
N GLN A 352 8.66 8.34 -2.54
CA GLN A 352 8.65 7.02 -3.14
C GLN A 352 8.64 5.91 -2.10
N VAL A 353 9.44 6.07 -1.04
CA VAL A 353 9.41 5.06 0.03
C VAL A 353 8.21 5.20 0.94
N ILE A 354 7.54 6.35 0.96
CA ILE A 354 6.29 6.44 1.70
C ILE A 354 5.22 5.58 1.02
N THR A 355 5.20 5.56 -0.31
CA THR A 355 4.20 4.82 -1.05
C THR A 355 4.59 3.36 -1.28
N LEU A 356 5.76 2.94 -0.78
CA LEU A 356 6.18 1.54 -0.84
C LEU A 356 6.23 1.01 -2.27
N GLU A 357 7.11 1.59 -3.08
CA GLU A 357 7.41 1.05 -4.40
C GLU A 357 8.84 1.46 -4.75
N GLY A 358 9.56 0.55 -5.39
CA GLY A 358 10.97 0.82 -5.66
C GLY A 358 11.80 0.99 -4.42
N TRP A 359 11.27 0.58 -3.27
CA TRP A 359 11.96 0.76 -1.99
C TRP A 359 13.31 0.04 -1.97
N VAL A 360 13.30 -1.26 -2.28
CA VAL A 360 14.53 -2.05 -2.16
C VAL A 360 15.58 -1.56 -3.14
N GLU A 361 15.17 -1.04 -4.29
CA GLU A 361 16.14 -0.59 -5.28
C GLU A 361 16.99 0.55 -4.75
N ILE A 362 16.34 1.60 -4.23
CA ILE A 362 17.13 2.72 -3.72
C ILE A 362 17.80 2.34 -2.41
N MET A 363 17.19 1.44 -1.65
CA MET A 363 17.85 0.93 -0.44
C MET A 363 19.19 0.30 -0.78
N TYR A 364 19.21 -0.53 -1.81
CA TYR A 364 20.45 -1.18 -2.21
C TYR A 364 21.40 -0.18 -2.88
N TYR A 365 20.85 0.83 -3.56
CA TYR A 365 21.69 1.87 -4.11
C TYR A 365 22.49 2.58 -3.01
N VAL A 366 21.80 3.01 -1.96
CA VAL A 366 22.48 3.78 -0.92
C VAL A 366 23.38 2.87 -0.10
N MET A 367 23.01 1.58 0.02
CA MET A 367 23.96 0.63 0.63
C MET A 367 25.22 0.54 -0.20
N ASP A 368 25.09 0.41 -1.52
CA ASP A 368 26.26 0.33 -2.39
C ASP A 368 27.12 1.57 -2.27
N ALA A 369 26.49 2.74 -2.19
CA ALA A 369 27.25 3.99 -2.26
C ALA A 369 27.97 4.31 -0.96
N HIS A 370 27.22 4.50 0.13
CA HIS A 370 27.77 5.10 1.34
C HIS A 370 28.15 4.08 2.40
N SER A 371 27.20 3.27 2.88
CA SER A 371 27.50 2.43 4.02
C SER A 371 26.49 1.29 4.11
N PHE A 372 26.87 0.23 4.83
CA PHE A 372 25.98 -0.90 5.05
C PHE A 372 24.88 -0.58 6.07
N TYR A 373 25.05 0.44 6.89
CA TYR A 373 24.16 0.71 8.00
C TYR A 373 23.13 1.79 7.70
N ASN A 374 22.62 1.84 6.47
CA ASN A 374 21.57 2.81 6.17
C ASN A 374 20.20 2.15 6.06
N PHE A 375 20.16 0.83 6.14
CA PHE A 375 18.87 0.16 6.32
C PHE A 375 18.23 0.61 7.63
N ILE A 376 19.02 1.04 8.62
CA ILE A 376 18.43 1.64 9.81
C ILE A 376 17.61 2.86 9.42
N TYR A 377 18.19 3.74 8.61
CA TYR A 377 17.46 4.93 8.17
C TYR A 377 16.19 4.54 7.43
N PHE A 378 16.28 3.58 6.52
CA PHE A 378 15.09 3.24 5.74
C PHE A 378 14.03 2.52 6.57
N ILE A 379 14.42 1.66 7.52
CA ILE A 379 13.43 0.98 8.32
C ILE A 379 12.73 1.95 9.25
N LEU A 380 13.49 2.86 9.88
CA LEU A 380 12.84 3.88 10.70
C LEU A 380 11.92 4.76 9.86
N LEU A 381 12.32 5.09 8.63
CA LEU A 381 11.44 5.88 7.79
C LEU A 381 10.17 5.13 7.42
N ILE A 382 10.29 3.85 7.06
CA ILE A 382 9.10 3.05 6.80
C ILE A 382 8.17 3.10 8.00
N ILE A 383 8.65 2.65 9.16
CA ILE A 383 7.80 2.51 10.34
C ILE A 383 7.18 3.86 10.72
N VAL A 384 7.96 4.93 10.70
CA VAL A 384 7.43 6.23 11.12
C VAL A 384 6.45 6.76 10.07
N GLY A 385 6.93 7.03 8.87
CA GLY A 385 6.08 7.63 7.87
C GLY A 385 5.06 6.69 7.24
N SER A 386 5.53 5.67 6.53
CA SER A 386 4.61 4.97 5.64
C SER A 386 3.57 4.14 6.38
N PHE A 387 3.73 3.95 7.68
CA PHE A 387 2.74 3.25 8.48
C PHE A 387 2.05 4.13 9.49
N PHE A 388 2.80 4.81 10.35
CA PHE A 388 2.21 5.60 11.41
C PHE A 388 1.71 6.96 10.95
N MET A 389 1.68 7.23 9.64
CA MET A 389 1.24 8.53 9.16
C MET A 389 0.00 8.46 8.28
N ILE A 390 0.08 7.73 7.16
CA ILE A 390 -1.10 7.63 6.30
C ILE A 390 -2.22 6.93 7.03
N ASN A 391 -1.87 6.06 7.98
CA ASN A 391 -2.86 5.44 8.84
C ASN A 391 -3.36 6.43 9.89
N LEU A 392 -2.48 7.31 10.39
CA LEU A 392 -2.96 8.45 11.15
C LEU A 392 -3.85 9.35 10.32
N CYS A 393 -3.54 9.51 9.03
CA CYS A 393 -4.41 10.28 8.16
C CYS A 393 -5.79 9.62 8.05
N LEU A 394 -5.82 8.29 7.93
CA LEU A 394 -7.09 7.57 7.96
C LEU A 394 -7.84 7.86 9.25
N VAL A 395 -7.14 7.78 10.38
CA VAL A 395 -7.79 7.99 11.67
C VAL A 395 -8.38 9.39 11.74
N VAL A 396 -7.62 10.39 11.31
CA VAL A 396 -8.08 11.77 11.36
C VAL A 396 -9.29 11.97 10.45
N ILE A 397 -9.23 11.44 9.22
CA ILE A 397 -10.38 11.56 8.32
C ILE A 397 -11.62 10.95 8.95
N ALA A 398 -11.51 9.72 9.46
CA ALA A 398 -12.69 9.06 10.02
C ALA A 398 -13.25 9.85 11.19
N THR A 399 -12.39 10.20 12.16
CA THR A 399 -12.86 10.90 13.34
C THR A 399 -13.49 12.25 12.97
N GLN A 400 -12.75 13.08 12.24
CA GLN A 400 -13.22 14.43 11.97
C GLN A 400 -14.45 14.41 11.09
N PHE A 401 -14.56 13.44 10.19
CA PHE A 401 -15.77 13.30 9.41
C PHE A 401 -16.94 12.93 10.32
N SER A 402 -16.71 12.08 11.32
CA SER A 402 -17.76 11.77 12.28
C SER A 402 -18.23 13.01 13.01
N GLU A 403 -17.29 13.81 13.51
CA GLU A 403 -17.72 15.03 14.20
C GLU A 403 -18.39 16.04 13.29
N THR A 404 -17.92 16.22 12.05
CA THR A 404 -18.57 17.20 11.20
C THR A 404 -19.93 16.71 10.72
N LYS A 405 -20.12 15.40 10.60
CA LYS A 405 -21.44 14.87 10.29
C LYS A 405 -22.40 15.07 11.45
N GLN A 406 -21.95 14.77 12.67
CA GLN A 406 -22.77 15.06 13.85
C GLN A 406 -23.04 16.55 13.96
N ARG A 407 -22.11 17.38 13.47
CA ARG A 407 -22.27 18.83 13.54
C ARG A 407 -23.50 19.28 12.78
N GLU A 408 -23.48 19.10 11.45
CA GLU A 408 -24.63 19.47 10.65
C GLU A 408 -25.88 18.69 11.07
N HIS A 409 -25.68 17.50 11.64
CA HIS A 409 -26.79 16.80 12.27
C HIS A 409 -27.37 17.60 13.42
N ARG A 410 -26.51 18.21 14.23
CA ARG A 410 -26.98 19.07 15.31
C ARG A 410 -27.54 20.40 14.80
N LEU A 411 -27.17 20.82 13.58
CA LEU A 411 -27.76 22.02 13.01
C LEU A 411 -29.23 21.80 12.67
N MET A 412 -29.56 20.73 11.95
CA MET A 412 -30.95 20.49 11.61
C MET A 412 -31.73 19.95 12.80
N LEU A 413 -31.02 19.44 13.80
CA LEU A 413 -31.66 19.04 15.05
C LEU A 413 -31.39 20.07 16.14
N ARG A 627 -56.40 -32.18 -10.51
CA ARG A 627 -55.84 -30.90 -10.08
C ARG A 627 -55.79 -30.80 -8.57
N GLU A 628 -56.11 -31.90 -7.89
CA GLU A 628 -55.94 -31.95 -6.44
C GLU A 628 -54.48 -32.05 -6.04
N THR A 629 -53.64 -32.69 -6.86
CA THR A 629 -52.24 -32.92 -6.55
C THR A 629 -51.45 -31.62 -6.36
N ARG A 630 -51.97 -30.49 -6.87
CA ARG A 630 -51.29 -29.21 -6.70
C ARG A 630 -50.94 -28.96 -5.23
N ALA A 631 -51.92 -29.14 -4.34
CA ALA A 631 -51.64 -29.02 -2.91
C ALA A 631 -50.69 -30.12 -2.45
N LYS A 632 -50.89 -31.34 -2.93
CA LYS A 632 -50.01 -32.44 -2.55
C LYS A 632 -48.59 -32.21 -3.04
N LEU A 633 -48.43 -31.74 -4.28
CA LEU A 633 -47.10 -31.54 -4.83
C LEU A 633 -46.36 -30.41 -4.13
N ARG A 634 -47.08 -29.53 -3.43
CA ARG A 634 -46.41 -28.50 -2.63
C ARG A 634 -45.56 -29.10 -1.52
N GLY A 635 -46.04 -30.17 -0.87
CA GLY A 635 -45.33 -30.72 0.27
C GLY A 635 -43.94 -31.20 -0.07
N ILE A 636 -43.77 -31.80 -1.25
CA ILE A 636 -42.46 -32.27 -1.67
C ILE A 636 -41.50 -31.08 -1.84
N VAL A 637 -42.01 -29.96 -2.35
CA VAL A 637 -41.16 -28.80 -2.60
C VAL A 637 -40.60 -28.27 -1.28
N ASP A 638 -41.47 -27.83 -0.38
CA ASP A 638 -41.06 -27.23 0.88
C ASP A 638 -40.74 -28.30 1.92
N SER A 639 -39.83 -29.19 1.55
CA SER A 639 -39.41 -30.29 2.40
C SER A 639 -38.10 -30.03 3.13
N LYS A 640 -37.28 -29.12 2.64
CA LYS A 640 -35.91 -28.85 3.09
C LYS A 640 -35.01 -30.05 2.91
N TYR A 641 -35.48 -31.11 2.23
CA TYR A 641 -34.66 -32.26 1.89
C TYR A 641 -34.34 -32.33 0.41
N PHE A 642 -35.35 -32.14 -0.46
CA PHE A 642 -35.06 -31.99 -1.88
C PHE A 642 -34.32 -30.68 -2.14
N ASN A 643 -34.53 -29.69 -1.28
CA ASN A 643 -33.70 -28.49 -1.33
C ASN A 643 -32.24 -28.82 -1.08
N ARG A 644 -31.98 -29.67 -0.09
CA ARG A 644 -30.61 -30.13 0.16
C ARG A 644 -30.08 -30.95 -1.01
N GLY A 645 -30.93 -31.79 -1.61
CA GLY A 645 -30.50 -32.55 -2.78
C GLY A 645 -30.07 -31.65 -3.93
N ILE A 646 -30.85 -30.61 -4.20
CA ILE A 646 -30.49 -29.71 -5.30
C ILE A 646 -29.35 -28.78 -4.92
N MET A 647 -29.14 -28.53 -3.62
CA MET A 647 -27.89 -27.92 -3.19
C MET A 647 -26.68 -28.79 -3.49
N MET A 648 -26.78 -30.09 -3.21
CA MET A 648 -25.70 -30.98 -3.61
C MET A 648 -25.53 -30.97 -5.12
N ALA A 649 -26.63 -30.91 -5.86
CA ALA A 649 -26.57 -30.87 -7.31
C ALA A 649 -25.86 -29.62 -7.81
N ILE A 650 -26.19 -28.46 -7.24
CA ILE A 650 -25.55 -27.21 -7.65
C ILE A 650 -24.08 -27.21 -7.25
N LEU A 651 -23.77 -27.73 -6.05
CA LEU A 651 -22.38 -27.81 -5.62
C LEU A 651 -21.56 -28.67 -6.58
N VAL A 652 -22.07 -29.87 -6.91
CA VAL A 652 -21.31 -30.72 -7.83
C VAL A 652 -21.28 -30.11 -9.23
N ASN A 653 -22.30 -29.34 -9.61
CA ASN A 653 -22.24 -28.63 -10.88
C ASN A 653 -21.08 -27.64 -10.89
N THR A 654 -20.94 -26.87 -9.82
CA THR A 654 -19.84 -25.92 -9.74
C THR A 654 -18.50 -26.64 -9.71
N VAL A 655 -18.42 -27.75 -8.95
CA VAL A 655 -17.17 -28.51 -8.88
C VAL A 655 -16.77 -29.01 -10.26
N SER A 656 -17.70 -29.70 -10.95
CA SER A 656 -17.40 -30.23 -12.28
C SER A 656 -17.03 -29.11 -13.23
N MET A 657 -17.85 -28.06 -13.27
CA MET A 657 -17.61 -26.94 -14.18
C MET A 657 -16.29 -26.24 -13.88
N GLY A 658 -15.77 -26.38 -12.66
CA GLY A 658 -14.45 -25.87 -12.34
C GLY A 658 -13.31 -26.81 -12.69
N ILE A 659 -13.59 -28.10 -12.88
CA ILE A 659 -12.52 -29.07 -13.12
C ILE A 659 -11.75 -28.75 -14.39
N GLU A 660 -12.45 -28.33 -15.45
CA GLU A 660 -11.83 -28.22 -16.76
C GLU A 660 -10.61 -27.32 -16.71
N HIS A 661 -9.56 -27.75 -17.42
CA HIS A 661 -8.25 -27.10 -17.36
C HIS A 661 -7.68 -27.06 -18.76
N HIS A 662 -6.40 -26.74 -18.85
CA HIS A 662 -5.72 -26.81 -20.13
C HIS A 662 -5.45 -28.27 -20.49
N GLU A 663 -5.18 -28.50 -21.78
CA GLU A 663 -4.95 -29.81 -22.36
C GLU A 663 -5.91 -30.87 -21.78
N GLN A 664 -7.20 -30.58 -21.95
CA GLN A 664 -8.22 -31.49 -21.45
C GLN A 664 -8.09 -32.86 -22.10
N PRO A 665 -8.18 -33.93 -21.33
CA PRO A 665 -8.34 -35.25 -21.93
C PRO A 665 -9.61 -35.30 -22.77
N GLU A 666 -9.53 -35.99 -23.90
CA GLU A 666 -10.65 -35.98 -24.85
C GLU A 666 -11.90 -36.57 -24.24
N GLU A 667 -11.76 -37.68 -23.50
CA GLU A 667 -12.91 -38.24 -22.80
C GLU A 667 -13.47 -37.28 -21.77
N LEU A 668 -12.61 -36.53 -21.08
CA LEU A 668 -13.03 -35.70 -19.96
C LEU A 668 -13.96 -34.59 -20.41
N THR A 669 -13.67 -33.94 -21.54
CA THR A 669 -14.55 -32.87 -22.01
C THR A 669 -15.91 -33.43 -22.41
N ASN A 670 -15.96 -34.63 -22.98
CA ASN A 670 -17.24 -35.27 -23.26
C ASN A 670 -17.99 -35.56 -21.96
N ILE A 671 -17.27 -36.01 -20.92
CA ILE A 671 -17.90 -36.24 -19.62
C ILE A 671 -18.51 -34.94 -19.11
N LEU A 672 -17.76 -33.85 -19.20
CA LEU A 672 -18.25 -32.56 -18.71
C LEU A 672 -19.49 -32.10 -19.47
N GLU A 673 -19.48 -32.24 -20.80
CA GLU A 673 -20.64 -31.79 -21.56
C GLU A 673 -21.87 -32.65 -21.29
N ILE A 674 -21.69 -33.98 -21.16
CA ILE A 674 -22.81 -34.83 -20.78
C ILE A 674 -23.34 -34.44 -19.40
N CYS A 675 -22.44 -34.20 -18.45
CA CYS A 675 -22.88 -33.85 -17.10
C CYS A 675 -23.59 -32.51 -17.08
N ASN A 676 -23.12 -31.55 -17.89
CA ASN A 676 -23.82 -30.27 -18.00
C ASN A 676 -25.21 -30.47 -18.57
N VAL A 677 -25.34 -31.33 -19.58
CA VAL A 677 -26.66 -31.63 -20.13
C VAL A 677 -27.57 -32.21 -19.05
N VAL A 678 -27.02 -33.13 -18.25
CA VAL A 678 -27.81 -33.76 -17.19
C VAL A 678 -28.28 -32.70 -16.19
N PHE A 679 -27.37 -31.83 -15.75
CA PHE A 679 -27.75 -30.81 -14.77
C PHE A 679 -28.75 -29.83 -15.34
N THR A 680 -28.59 -29.44 -16.61
CA THR A 680 -29.55 -28.54 -17.24
C THR A 680 -30.93 -29.19 -17.32
N SER A 681 -30.97 -30.47 -17.65
CA SER A 681 -32.24 -31.19 -17.64
C SER A 681 -32.85 -31.19 -16.26
N MET A 682 -32.04 -31.38 -15.22
CA MET A 682 -32.57 -31.38 -13.86
C MET A 682 -33.15 -30.01 -13.51
N PHE A 683 -32.44 -28.93 -13.83
CA PHE A 683 -32.97 -27.58 -13.59
C PHE A 683 -34.28 -27.38 -14.30
N ALA A 684 -34.34 -27.74 -15.59
CA ALA A 684 -35.60 -27.70 -16.32
C ALA A 684 -36.66 -28.49 -15.58
N LEU A 685 -36.29 -29.61 -14.96
CA LEU A 685 -37.26 -30.42 -14.26
C LEU A 685 -37.88 -29.66 -13.09
N GLU A 686 -37.07 -29.07 -12.21
CA GLU A 686 -37.73 -28.48 -11.03
C GLU A 686 -38.41 -27.16 -11.37
N MET A 687 -37.96 -26.44 -12.41
CA MET A 687 -38.71 -25.25 -12.81
C MET A 687 -39.98 -25.57 -13.60
N ILE A 688 -40.00 -26.66 -14.38
CA ILE A 688 -41.30 -27.05 -14.93
C ILE A 688 -42.21 -27.56 -13.82
N LEU A 689 -41.62 -28.12 -12.76
CA LEU A 689 -42.42 -28.51 -11.60
C LEU A 689 -43.02 -27.28 -10.92
N LYS A 690 -42.23 -26.22 -10.74
CA LYS A 690 -42.67 -25.10 -9.93
C LYS A 690 -43.71 -24.24 -10.64
N LEU A 691 -43.72 -24.23 -11.97
CA LEU A 691 -44.68 -23.38 -12.68
C LEU A 691 -46.11 -23.84 -12.45
N ALA A 692 -46.34 -25.14 -12.34
CA ALA A 692 -47.70 -25.66 -12.23
C ALA A 692 -48.12 -25.79 -10.76
N ALA A 693 -47.25 -26.39 -9.93
CA ALA A 693 -47.61 -26.64 -8.54
C ALA A 693 -47.87 -25.35 -7.77
N PHE A 694 -47.29 -24.23 -8.19
CA PHE A 694 -47.47 -22.97 -7.49
C PHE A 694 -48.31 -21.96 -8.26
N GLY A 695 -48.30 -22.02 -9.59
CA GLY A 695 -48.98 -21.03 -10.40
C GLY A 695 -48.03 -19.98 -10.94
N LEU A 696 -48.47 -19.35 -12.04
CA LEU A 696 -47.61 -18.39 -12.73
C LEU A 696 -47.32 -17.17 -11.86
N PHE A 697 -48.36 -16.59 -11.27
CA PHE A 697 -48.16 -15.41 -10.42
C PHE A 697 -47.32 -15.78 -9.20
N ASP A 698 -47.60 -16.93 -8.58
CA ASP A 698 -46.82 -17.36 -7.43
C ASP A 698 -45.38 -17.65 -7.81
N TYR A 699 -45.17 -18.24 -8.98
CA TYR A 699 -43.81 -18.51 -9.44
C TYR A 699 -43.04 -17.21 -9.64
N LEU A 700 -43.67 -16.21 -10.25
CA LEU A 700 -43.02 -14.91 -10.43
C LEU A 700 -43.03 -14.05 -9.18
N ARG A 701 -43.71 -14.49 -8.10
CA ARG A 701 -43.74 -13.71 -6.88
C ARG A 701 -42.34 -13.46 -6.34
N ASN A 702 -41.44 -14.42 -6.55
CA ASN A 702 -40.03 -14.24 -6.20
C ASN A 702 -39.24 -14.09 -7.49
N PRO A 703 -38.47 -13.02 -7.67
CA PRO A 703 -37.70 -12.86 -8.91
C PRO A 703 -36.54 -13.82 -9.02
N TYR A 704 -36.19 -14.51 -7.94
CA TYR A 704 -35.15 -15.52 -8.01
C TYR A 704 -35.55 -16.64 -8.96
N ASN A 705 -36.84 -16.99 -8.97
CA ASN A 705 -37.36 -17.90 -9.97
C ASN A 705 -37.16 -17.36 -11.38
N ILE A 706 -37.27 -16.04 -11.55
CA ILE A 706 -37.02 -15.44 -12.86
C ILE A 706 -35.56 -15.59 -13.24
N PHE A 707 -34.64 -15.39 -12.29
CA PHE A 707 -33.23 -15.71 -12.55
C PHE A 707 -33.07 -17.15 -13.01
N ASP A 708 -33.73 -18.09 -12.32
CA ASP A 708 -33.59 -19.50 -12.70
C ASP A 708 -34.11 -19.73 -14.12
N SER A 709 -35.26 -19.14 -14.46
CA SER A 709 -35.81 -19.30 -15.79
C SER A 709 -34.87 -18.73 -16.86
N ILE A 710 -34.30 -17.55 -16.59
CA ILE A 710 -33.37 -16.95 -17.54
C ILE A 710 -32.15 -17.86 -17.72
N ILE A 711 -31.64 -18.41 -16.61
CA ILE A 711 -30.47 -19.28 -16.69
C ILE A 711 -30.78 -20.51 -17.54
N VAL A 712 -31.93 -21.13 -17.33
CA VAL A 712 -32.25 -22.34 -18.08
C VAL A 712 -32.51 -22.01 -19.54
N ILE A 713 -33.12 -20.86 -19.83
CA ILE A 713 -33.34 -20.48 -21.22
C ILE A 713 -32.00 -20.28 -21.93
N ILE A 714 -31.08 -19.58 -21.30
CA ILE A 714 -29.75 -19.39 -21.88
C ILE A 714 -29.06 -20.74 -22.05
N SER A 715 -29.20 -21.62 -21.05
CA SER A 715 -28.56 -22.93 -21.13
C SER A 715 -29.09 -23.74 -22.30
N ILE A 716 -30.41 -23.79 -22.47
CA ILE A 716 -30.98 -24.59 -23.55
C ILE A 716 -30.63 -23.98 -24.90
N TRP A 717 -30.59 -22.65 -24.99
CA TRP A 717 -30.15 -22.03 -26.23
C TRP A 717 -28.71 -22.39 -26.55
N GLU A 718 -27.84 -22.41 -25.53
CA GLU A 718 -26.47 -22.85 -25.72
C GLU A 718 -26.42 -24.31 -26.20
N ILE A 719 -27.26 -25.16 -25.61
CA ILE A 719 -27.30 -26.57 -26.02
C ILE A 719 -27.75 -26.67 -27.47
N VAL A 720 -28.75 -25.87 -27.87
CA VAL A 720 -29.15 -25.84 -29.27
C VAL A 720 -28.02 -25.33 -30.14
N GLY A 721 -27.23 -24.39 -29.62
CA GLY A 721 -26.17 -23.79 -30.40
C GLY A 721 -24.97 -24.69 -30.59
N GLN A 722 -25.13 -25.74 -31.38
CA GLN A 722 -24.06 -26.68 -31.68
C GLN A 722 -23.38 -26.39 -33.01
N ALA A 723 -23.69 -25.26 -33.64
CA ALA A 723 -23.05 -24.86 -34.89
C ALA A 723 -21.92 -23.85 -34.66
N ASP A 724 -22.27 -22.69 -34.09
CA ASP A 724 -21.32 -21.63 -33.77
C ASP A 724 -22.02 -20.61 -32.88
N GLY A 725 -21.23 -19.68 -32.34
CA GLY A 725 -21.78 -18.59 -31.56
C GLY A 725 -22.05 -18.94 -30.11
N GLY A 726 -22.91 -19.94 -29.89
CA GLY A 726 -23.29 -20.28 -28.53
C GLY A 726 -22.12 -20.76 -27.68
N LEU A 727 -21.21 -21.52 -28.29
CA LEU A 727 -20.07 -22.05 -27.56
C LEU A 727 -19.04 -20.99 -27.19
N SER A 728 -19.31 -19.72 -27.48
CA SER A 728 -18.36 -18.66 -27.21
C SER A 728 -18.72 -17.80 -26.01
N VAL A 729 -20.00 -17.44 -25.84
CA VAL A 729 -20.43 -16.51 -24.81
C VAL A 729 -21.42 -17.15 -23.85
N LEU A 730 -22.36 -17.94 -24.37
CA LEU A 730 -23.35 -18.57 -23.50
C LEU A 730 -22.69 -19.53 -22.51
N ARG A 731 -21.60 -20.17 -22.91
CA ARG A 731 -20.83 -20.97 -21.96
C ARG A 731 -20.26 -20.08 -20.86
N THR A 732 -19.78 -18.89 -21.21
CA THR A 732 -19.27 -17.95 -20.22
C THR A 732 -20.38 -17.44 -19.30
N PHE A 733 -21.62 -17.43 -19.77
CA PHE A 733 -22.73 -16.98 -18.92
C PHE A 733 -23.33 -18.11 -18.11
N ARG A 734 -22.89 -19.35 -18.31
CA ARG A 734 -23.34 -20.46 -17.47
C ARG A 734 -22.95 -20.28 -16.01
N LEU A 735 -21.98 -19.40 -15.74
CA LEU A 735 -21.38 -19.33 -14.41
C LEU A 735 -22.31 -18.73 -13.36
N LEU A 736 -23.46 -18.20 -13.78
CA LEU A 736 -24.35 -17.57 -12.82
C LEU A 736 -25.04 -18.58 -11.92
N ARG A 737 -24.99 -19.87 -12.26
CA ARG A 737 -25.60 -20.89 -11.41
C ARG A 737 -24.94 -20.94 -10.04
N VAL A 738 -23.68 -20.53 -9.93
CA VAL A 738 -23.03 -20.43 -8.62
C VAL A 738 -23.78 -19.44 -7.74
N LEU A 739 -24.27 -18.36 -8.33
CA LEU A 739 -24.96 -17.32 -7.57
C LEU A 739 -26.26 -17.81 -6.96
N LYS A 740 -26.77 -18.97 -7.38
CA LYS A 740 -27.98 -19.52 -6.79
C LYS A 740 -27.83 -19.80 -5.30
N LEU A 741 -26.60 -19.91 -4.81
CA LEU A 741 -26.37 -20.21 -3.40
C LEU A 741 -26.91 -19.14 -2.46
N VAL A 742 -26.88 -17.86 -2.87
CA VAL A 742 -27.36 -16.80 -1.98
C VAL A 742 -28.85 -16.96 -1.72
N ARG A 743 -29.57 -17.59 -2.64
CA ARG A 743 -31.00 -17.83 -2.45
C ARG A 743 -31.33 -18.66 -1.22
N PHE A 744 -30.41 -19.52 -0.77
CA PHE A 744 -30.70 -20.44 0.32
C PHE A 744 -29.72 -20.34 1.47
N MET A 745 -28.54 -19.77 1.26
CA MET A 745 -27.69 -19.44 2.39
C MET A 745 -28.19 -18.15 3.03
N PRO A 746 -28.78 -18.19 4.23
CA PRO A 746 -29.54 -17.04 4.73
C PRO A 746 -28.70 -15.91 5.28
N ALA A 747 -27.59 -16.22 5.96
CA ALA A 747 -26.78 -15.17 6.57
C ALA A 747 -26.24 -14.19 5.54
N LEU A 748 -25.86 -14.71 4.36
CA LEU A 748 -25.42 -13.85 3.28
C LEU A 748 -26.49 -12.88 2.81
N ARG A 749 -27.77 -13.28 2.84
CA ARG A 749 -28.82 -12.32 2.53
C ARG A 749 -28.69 -11.08 3.40
N ARG A 750 -28.52 -11.27 4.71
CA ARG A 750 -28.29 -10.14 5.59
C ARG A 750 -27.01 -9.41 5.21
N GLN A 751 -25.95 -10.16 4.93
CA GLN A 751 -24.69 -9.51 4.54
C GLN A 751 -24.85 -8.73 3.25
N LEU A 752 -25.51 -9.32 2.24
CA LEU A 752 -25.68 -8.62 0.97
C LEU A 752 -26.56 -7.39 1.12
N VAL A 753 -27.64 -7.47 1.91
CA VAL A 753 -28.49 -6.29 2.05
C VAL A 753 -27.77 -5.20 2.84
N VAL A 754 -26.93 -5.59 3.81
CA VAL A 754 -26.09 -4.60 4.48
C VAL A 754 -25.17 -3.93 3.47
N LEU A 755 -24.53 -4.73 2.60
CA LEU A 755 -23.64 -4.15 1.60
C LEU A 755 -24.39 -3.22 0.66
N MET A 756 -25.63 -3.57 0.30
CA MET A 756 -26.43 -2.70 -0.55
C MET A 756 -26.78 -1.39 0.14
N LYS A 757 -27.17 -1.46 1.42
CA LYS A 757 -27.48 -0.23 2.15
C LYS A 757 -26.25 0.65 2.29
N THR A 758 -25.06 0.04 2.41
CA THR A 758 -23.83 0.81 2.42
C THR A 758 -23.59 1.47 1.07
N MET A 759 -23.64 0.68 -0.01
CA MET A 759 -23.35 1.22 -1.33
C MET A 759 -24.39 2.24 -1.78
N ASP A 760 -25.53 2.32 -1.09
CA ASP A 760 -26.43 3.44 -1.31
C ASP A 760 -25.71 4.78 -1.13
N ASN A 761 -24.73 4.83 -0.23
CA ASN A 761 -23.89 6.02 -0.06
C ASN A 761 -22.66 6.02 -0.95
N VAL A 762 -22.23 4.85 -1.43
CA VAL A 762 -20.98 4.75 -2.17
C VAL A 762 -21.14 5.29 -3.58
N ALA A 763 -22.34 5.14 -4.17
CA ALA A 763 -22.54 5.44 -5.59
C ALA A 763 -22.09 6.86 -5.93
N THR A 764 -22.51 7.83 -5.13
CA THR A 764 -22.08 9.21 -5.37
C THR A 764 -20.56 9.32 -5.29
N PHE A 765 -19.95 8.63 -4.33
CA PHE A 765 -18.50 8.65 -4.23
C PHE A 765 -17.85 7.98 -5.43
N CYS A 766 -18.44 6.89 -5.94
CA CYS A 766 -17.89 6.24 -7.13
C CYS A 766 -17.94 7.17 -8.33
N MET A 767 -19.03 7.93 -8.48
CA MET A 767 -19.08 8.92 -9.55
C MET A 767 -18.03 10.00 -9.34
N LEU A 768 -17.82 10.40 -8.08
CA LEU A 768 -16.78 11.38 -7.78
C LEU A 768 -15.41 10.86 -8.17
N LEU A 769 -15.14 9.58 -7.91
CA LEU A 769 -13.87 8.99 -8.32
C LEU A 769 -13.72 9.00 -9.84
N MET A 770 -14.78 8.70 -10.56
CA MET A 770 -14.70 8.75 -12.02
C MET A 770 -14.38 10.15 -12.49
N LEU A 771 -15.02 11.16 -11.90
CA LEU A 771 -14.73 12.55 -12.28
C LEU A 771 -13.28 12.91 -11.96
N PHE A 772 -12.79 12.49 -10.80
CA PHE A 772 -11.43 12.82 -10.36
C PHE A 772 -10.38 12.18 -11.28
N ILE A 773 -10.56 10.88 -11.54
CA ILE A 773 -9.68 10.18 -12.46
C ILE A 773 -9.74 10.82 -13.84
N PHE A 774 -10.93 11.22 -14.29
CA PHE A 774 -11.05 11.86 -15.58
C PHE A 774 -10.25 13.16 -15.63
N ILE A 775 -10.37 13.98 -14.58
CA ILE A 775 -9.66 15.26 -14.56
C ILE A 775 -8.17 15.03 -14.67
N PHE A 776 -7.61 14.15 -13.82
CA PHE A 776 -6.17 13.94 -13.89
C PHE A 776 -5.73 13.19 -15.14
N SER A 777 -6.55 12.33 -15.70
CA SER A 777 -6.15 11.70 -16.95
C SER A 777 -6.07 12.73 -18.07
N ILE A 778 -7.02 13.66 -18.13
CA ILE A 778 -6.96 14.69 -19.16
C ILE A 778 -5.75 15.59 -18.93
N LEU A 779 -5.49 15.96 -17.67
CA LEU A 779 -4.36 16.83 -17.39
C LEU A 779 -3.04 16.15 -17.76
N GLY A 780 -2.88 14.88 -17.38
CA GLY A 780 -1.69 14.15 -17.77
C GLY A 780 -1.56 14.04 -19.28
N MET A 781 -2.67 13.82 -19.97
CA MET A 781 -2.66 13.82 -21.43
C MET A 781 -2.13 15.14 -21.96
N HIS A 782 -2.56 16.25 -21.37
CA HIS A 782 -2.11 17.56 -21.83
C HIS A 782 -0.61 17.73 -21.60
N ILE A 783 -0.12 17.30 -20.45
CA ILE A 783 1.30 17.48 -20.16
C ILE A 783 2.18 16.40 -20.77
N PHE A 784 1.73 15.15 -20.77
CA PHE A 784 2.59 14.02 -21.12
C PHE A 784 2.26 13.39 -22.46
N GLY A 785 1.23 13.89 -23.15
CA GLY A 785 0.87 13.33 -24.44
C GLY A 785 2.00 13.37 -25.44
N CYS A 786 2.31 12.22 -26.04
CA CYS A 786 3.32 12.06 -27.07
C CYS A 786 4.74 12.33 -26.55
N LYS A 787 4.90 12.55 -25.26
CA LYS A 787 6.22 12.80 -24.69
C LYS A 787 6.80 11.59 -23.97
N PHE A 788 6.13 10.44 -24.01
CA PHE A 788 6.72 9.18 -23.57
C PHE A 788 7.21 8.32 -24.72
N SER A 789 7.76 8.93 -25.77
CA SER A 789 8.28 8.14 -26.86
C SER A 789 9.51 7.37 -26.38
N LEU A 790 9.29 6.12 -25.97
CA LEU A 790 10.38 5.30 -25.49
C LEU A 790 11.28 4.90 -26.66
N ARG A 791 12.58 5.07 -26.48
CA ARG A 791 13.50 5.01 -27.60
C ARG A 791 13.55 3.61 -28.19
N THR A 792 13.99 3.53 -29.44
CA THR A 792 13.93 2.30 -30.21
C THR A 792 14.89 1.25 -29.65
N ASP A 793 14.56 -0.01 -29.91
CA ASP A 793 15.47 -1.12 -29.62
C ASP A 793 15.68 -2.04 -30.82
N THR A 794 14.81 -1.99 -31.84
CA THR A 794 14.97 -2.83 -33.02
C THR A 794 14.77 -2.02 -34.31
N GLY A 795 14.76 -0.69 -34.21
CA GLY A 795 14.70 0.16 -35.39
C GLY A 795 13.57 1.15 -35.44
N ASP A 796 12.68 1.17 -34.45
CA ASP A 796 11.57 2.12 -34.47
C ASP A 796 11.16 2.44 -33.05
N THR A 797 10.68 3.67 -32.85
CA THR A 797 10.34 4.17 -31.53
C THR A 797 9.09 3.45 -31.01
N VAL A 798 9.31 2.48 -30.13
CA VAL A 798 8.20 1.72 -29.55
C VAL A 798 7.51 2.57 -28.49
N PRO A 799 6.20 2.78 -28.59
CA PRO A 799 5.49 3.47 -27.51
C PRO A 799 5.40 2.59 -26.27
N ASP A 800 5.70 3.18 -25.13
CA ASP A 800 5.60 2.44 -23.88
C ASP A 800 4.14 2.08 -23.61
N ARG A 801 3.94 0.89 -23.04
CA ARG A 801 2.58 0.44 -22.76
C ARG A 801 1.91 1.33 -21.71
N LYS A 802 2.70 1.98 -20.86
CA LYS A 802 2.19 2.92 -19.86
C LYS A 802 2.29 4.36 -20.37
N ASN A 803 1.68 4.63 -21.52
CA ASN A 803 1.80 5.94 -22.16
C ASN A 803 0.63 6.83 -21.77
N PHE A 804 0.54 7.99 -22.43
CA PHE A 804 -0.56 8.94 -22.25
C PHE A 804 -1.15 9.33 -23.59
N ASP A 805 -0.81 8.57 -24.65
CA ASP A 805 -1.11 8.98 -26.02
C ASP A 805 -2.59 8.91 -26.36
N SER A 806 -3.42 8.24 -25.56
CA SER A 806 -4.83 8.15 -25.86
C SER A 806 -5.61 7.97 -24.57
N LEU A 807 -6.89 8.34 -24.60
CA LEU A 807 -7.65 8.48 -23.37
C LEU A 807 -7.87 7.15 -22.64
N LEU A 808 -8.15 6.08 -23.37
CA LEU A 808 -8.27 4.78 -22.72
C LEU A 808 -7.02 4.48 -21.91
N TRP A 809 -5.85 4.63 -22.54
CA TRP A 809 -4.60 4.43 -21.81
C TRP A 809 -4.40 5.50 -20.75
N ALA A 810 -4.91 6.71 -20.97
CA ALA A 810 -4.79 7.73 -19.94
C ALA A 810 -5.51 7.32 -18.67
N ILE A 811 -6.77 6.86 -18.79
CA ILE A 811 -7.50 6.46 -17.59
C ILE A 811 -6.89 5.20 -16.97
N VAL A 812 -6.54 4.21 -17.78
CA VAL A 812 -6.00 3.00 -17.18
C VAL A 812 -4.66 3.30 -16.49
N THR A 813 -3.90 4.26 -17.02
CA THR A 813 -2.62 4.59 -16.41
C THR A 813 -2.82 5.40 -15.14
N VAL A 814 -3.81 6.30 -15.12
CA VAL A 814 -4.10 7.00 -13.87
C VAL A 814 -4.59 6.03 -12.81
N PHE A 815 -5.38 5.04 -13.21
CA PHE A 815 -5.81 4.04 -12.26
C PHE A 815 -4.63 3.23 -11.74
N GLN A 816 -3.73 2.83 -12.65
CA GLN A 816 -2.48 2.20 -12.23
C GLN A 816 -1.75 3.04 -11.20
N ILE A 817 -1.61 4.33 -11.48
CA ILE A 817 -0.91 5.23 -10.57
C ILE A 817 -1.61 5.25 -9.22
N LEU A 818 -2.94 5.21 -9.21
CA LEU A 818 -3.67 5.27 -7.95
C LEU A 818 -3.46 4.04 -7.09
N THR A 819 -3.15 2.90 -7.72
CA THR A 819 -2.94 1.67 -6.95
C THR A 819 -1.54 1.57 -6.38
N GLN A 820 -0.68 2.55 -6.61
CA GLN A 820 0.70 2.54 -6.16
C GLN A 820 1.39 1.23 -6.54
N GLU A 821 1.39 0.95 -7.85
CA GLU A 821 2.03 -0.25 -8.37
C GLU A 821 2.77 0.13 -9.64
N ASP A 822 4.08 -0.13 -9.65
CA ASP A 822 4.97 0.29 -10.74
C ASP A 822 4.67 1.72 -11.19
N TRP A 823 4.41 2.60 -10.22
CA TRP A 823 4.19 4.00 -10.54
C TRP A 823 5.49 4.77 -10.64
N ASN A 824 6.56 4.29 -9.98
CA ASN A 824 7.84 4.96 -10.09
C ASN A 824 8.42 4.88 -11.50
N VAL A 825 8.06 3.84 -12.26
CA VAL A 825 8.55 3.74 -13.63
C VAL A 825 8.07 4.92 -14.46
N VAL A 826 6.76 5.19 -14.42
CA VAL A 826 6.26 6.32 -15.18
C VAL A 826 6.64 7.63 -14.50
N LEU A 827 6.87 7.63 -13.20
CA LEU A 827 7.40 8.83 -12.54
C LEU A 827 8.73 9.23 -13.16
N TYR A 828 9.65 8.27 -13.28
CA TYR A 828 10.94 8.57 -13.90
C TYR A 828 10.76 8.91 -15.37
N ASN A 829 9.85 8.20 -16.05
CA ASN A 829 9.65 8.41 -17.48
C ASN A 829 8.97 9.75 -17.77
N GLY A 830 8.40 10.39 -16.76
CA GLY A 830 7.84 11.72 -16.93
C GLY A 830 8.82 12.79 -16.49
N MET A 831 9.55 12.53 -15.40
CA MET A 831 10.57 13.48 -14.97
C MET A 831 11.73 13.59 -15.94
N ALA A 832 11.99 12.56 -16.73
CA ALA A 832 13.06 12.60 -17.71
C ALA A 832 12.65 13.36 -18.97
N SER A 833 11.37 13.62 -19.17
CA SER A 833 10.91 14.30 -20.37
C SER A 833 10.75 15.81 -20.17
N THR A 834 9.87 16.23 -19.28
CA THR A 834 9.59 17.66 -19.18
C THR A 834 10.58 18.38 -18.27
N SER A 835 10.55 18.06 -16.97
CA SER A 835 11.31 18.76 -15.96
C SER A 835 11.15 18.04 -14.63
N PRO A 836 12.12 18.15 -13.72
CA PRO A 836 11.97 17.51 -12.41
C PRO A 836 10.76 18.02 -11.62
N TRP A 837 10.06 19.03 -12.11
CA TRP A 837 8.84 19.50 -11.47
C TRP A 837 7.63 18.64 -11.79
N ALA A 838 7.72 17.76 -12.79
CA ALA A 838 6.58 16.93 -13.15
C ALA A 838 6.22 15.92 -12.07
N SER A 839 7.08 15.72 -11.08
CA SER A 839 6.73 14.83 -9.98
C SER A 839 5.65 15.45 -9.09
N LEU A 840 5.45 16.76 -9.16
CA LEU A 840 4.35 17.38 -8.44
C LEU A 840 3.02 16.83 -8.92
N TYR A 841 2.91 16.49 -10.20
CA TYR A 841 1.68 15.90 -10.72
C TYR A 841 1.37 14.58 -10.02
N PHE A 842 2.36 13.67 -9.97
CA PHE A 842 2.12 12.39 -9.32
C PHE A 842 1.92 12.55 -7.82
N VAL A 843 2.61 13.50 -7.19
CA VAL A 843 2.40 13.72 -5.76
C VAL A 843 0.98 14.19 -5.51
N ALA A 844 0.51 15.14 -6.31
CA ALA A 844 -0.85 15.65 -6.16
C ALA A 844 -1.87 14.55 -6.40
N LEU A 845 -1.66 13.73 -7.43
CA LEU A 845 -2.60 12.65 -7.70
C LEU A 845 -2.63 11.65 -6.56
N MET A 846 -1.45 11.18 -6.12
CA MET A 846 -1.37 10.22 -5.04
C MET A 846 -2.10 10.75 -3.80
N THR A 847 -1.79 11.98 -3.40
CA THR A 847 -2.42 12.54 -2.22
C THR A 847 -3.93 12.66 -2.40
N PHE A 848 -4.36 13.49 -3.35
CA PHE A 848 -5.77 13.80 -3.53
C PHE A 848 -6.56 12.59 -4.00
N GLY A 849 -5.88 11.46 -4.15
CA GLY A 849 -6.53 10.19 -4.34
C GLY A 849 -6.47 9.40 -3.06
N ASN A 850 -5.41 8.59 -2.93
CA ASN A 850 -5.28 7.62 -1.86
C ASN A 850 -5.44 8.19 -0.45
N TYR A 851 -5.05 9.44 -0.23
CA TYR A 851 -4.78 9.90 1.13
C TYR A 851 -5.88 10.78 1.69
N VAL A 852 -6.76 11.30 0.84
CA VAL A 852 -7.77 12.22 1.35
C VAL A 852 -9.16 11.81 0.83
N LEU A 853 -9.19 10.97 -0.18
CA LEU A 853 -10.45 10.59 -0.82
C LEU A 853 -10.86 9.16 -0.48
N PHE A 854 -9.93 8.22 -0.57
N PHE A 854 -9.91 8.24 -0.55
CA PHE A 854 -10.24 6.84 -0.19
CA PHE A 854 -10.14 6.85 -0.22
C PHE A 854 -10.38 6.69 1.31
C PHE A 854 -10.31 6.65 1.29
N ASN A 855 -9.80 7.58 2.10
CA ASN A 855 -10.11 7.64 3.52
C ASN A 855 -11.50 8.20 3.77
N LEU A 856 -11.92 9.15 2.92
CA LEU A 856 -13.30 9.60 2.91
C LEU A 856 -14.26 8.45 2.68
N LEU A 857 -13.91 7.52 1.79
CA LEU A 857 -14.76 6.34 1.62
C LEU A 857 -14.93 5.59 2.94
N VAL A 858 -13.82 5.34 3.65
CA VAL A 858 -13.90 4.59 4.89
C VAL A 858 -14.75 5.32 5.90
N ALA A 859 -14.62 6.65 5.95
CA ALA A 859 -15.47 7.44 6.83
C ALA A 859 -16.94 7.28 6.47
N ILE A 860 -17.25 7.34 5.17
CA ILE A 860 -18.63 7.13 4.73
C ILE A 860 -19.16 5.80 5.22
N LEU A 861 -18.37 4.73 5.04
CA LEU A 861 -18.85 3.41 5.43
C LEU A 861 -19.06 3.30 6.94
N VAL A 862 -18.08 3.75 7.73
CA VAL A 862 -18.20 3.59 9.18
C VAL A 862 -19.39 4.39 9.70
N GLU A 863 -19.58 5.61 9.20
CA GLU A 863 -20.71 6.41 9.65
C GLU A 863 -22.04 5.91 9.11
N GLY A 864 -22.04 5.24 7.96
CA GLY A 864 -23.24 4.56 7.53
C GLY A 864 -23.61 3.42 8.46
N PHE A 865 -22.61 2.70 8.97
CA PHE A 865 -22.87 1.69 9.98
C PHE A 865 -23.41 2.31 11.26
N GLN A 866 -22.88 3.47 11.64
CA GLN A 866 -23.34 4.15 12.84
C GLN A 866 -24.69 4.84 12.63
N GLN A 1164 -1.86 -33.51 41.82
CA GLN A 1164 -1.84 -34.51 42.88
C GLN A 1164 -0.68 -34.25 43.85
N THR A 1165 0.50 -34.02 43.29
CA THR A 1165 1.68 -33.72 44.09
C THR A 1165 1.71 -32.22 44.40
N ILE A 1166 2.42 -31.86 45.48
CA ILE A 1166 2.58 -30.47 45.85
C ILE A 1166 3.15 -29.66 44.69
N ILE A 1167 2.62 -28.46 44.49
CA ILE A 1167 2.91 -27.63 43.33
C ILE A 1167 3.26 -26.22 43.79
N ALA A 1168 4.33 -25.66 43.23
CA ALA A 1168 4.66 -24.25 43.40
C ALA A 1168 4.62 -23.59 42.03
N HIS A 1169 4.11 -22.35 41.97
CA HIS A 1169 3.98 -21.64 40.70
C HIS A 1169 4.31 -20.16 40.87
N LYS A 1170 5.42 -19.86 41.55
CA LYS A 1170 5.74 -18.45 41.81
C LYS A 1170 6.22 -17.73 40.55
N LEU A 1171 7.38 -18.15 40.02
CA LEU A 1171 7.97 -17.55 38.82
C LEU A 1171 8.41 -18.61 37.82
N PHE A 1172 7.77 -19.78 37.86
CA PHE A 1172 8.09 -20.81 36.89
C PHE A 1172 7.67 -20.39 35.48
N ASP A 1173 6.59 -19.63 35.37
CA ASP A 1173 6.23 -19.06 34.08
C ASP A 1173 7.34 -18.13 33.58
N TYR A 1174 7.91 -17.32 34.47
CA TYR A 1174 9.00 -16.44 34.10
C TYR A 1174 10.21 -17.23 33.61
N VAL A 1175 10.61 -18.25 34.35
CA VAL A 1175 11.82 -18.99 33.97
C VAL A 1175 11.59 -19.76 32.69
N VAL A 1176 10.40 -20.33 32.50
CA VAL A 1176 10.16 -21.05 31.25
C VAL A 1176 10.08 -20.08 30.08
N LEU A 1177 9.58 -18.85 30.31
CA LEU A 1177 9.61 -17.86 29.24
C LEU A 1177 11.05 -17.53 28.85
N ALA A 1178 11.94 -17.42 29.84
CA ALA A 1178 13.35 -17.22 29.52
C ALA A 1178 13.90 -18.39 28.72
N PHE A 1179 13.55 -19.62 29.12
CA PHE A 1179 13.99 -20.79 28.37
C PHE A 1179 13.45 -20.76 26.94
N ILE A 1180 12.23 -20.26 26.76
CA ILE A 1180 11.65 -20.13 25.43
C ILE A 1180 12.43 -19.11 24.61
N PHE A 1181 12.88 -18.03 25.26
CA PHE A 1181 13.72 -17.06 24.55
C PHE A 1181 15.02 -17.69 24.08
N LEU A 1182 15.65 -18.50 24.95
CA LEU A 1182 16.83 -19.25 24.50
C LEU A 1182 16.50 -20.21 23.36
N ASN A 1183 15.31 -20.82 23.41
CA ASN A 1183 14.90 -21.70 22.32
C ASN A 1183 14.77 -20.93 21.02
N CYS A 1184 14.24 -19.71 21.09
CA CYS A 1184 14.20 -18.86 19.90
C CYS A 1184 15.60 -18.57 19.40
N ILE A 1185 16.52 -18.27 20.33
CA ILE A 1185 17.90 -18.00 19.94
C ILE A 1185 18.48 -19.17 19.17
N THR A 1186 18.30 -20.39 19.68
CA THR A 1186 18.86 -21.55 18.99
C THR A 1186 18.08 -21.91 17.72
N ILE A 1187 16.82 -21.50 17.60
CA ILE A 1187 16.11 -21.63 16.33
C ILE A 1187 16.69 -20.66 15.31
N ALA A 1188 17.27 -19.57 15.76
CA ALA A 1188 17.74 -18.57 14.81
C ALA A 1188 19.06 -18.95 14.12
N LEU A 1189 19.54 -20.20 14.07
CA LEU A 1189 20.84 -20.50 13.50
C LEU A 1189 20.85 -21.59 12.43
N GLU A 1190 19.70 -22.20 12.11
CA GLU A 1190 19.68 -23.37 11.23
C GLU A 1190 19.65 -22.97 9.76
N ARG A 1191 20.65 -22.20 9.34
CA ARG A 1191 20.77 -21.91 7.92
C ARG A 1191 21.61 -23.00 7.24
N PRO A 1192 21.19 -23.45 6.04
CA PRO A 1192 21.68 -24.72 5.49
C PRO A 1192 23.09 -24.65 4.91
N GLN A 1193 24.00 -24.00 5.62
CA GLN A 1193 25.42 -24.03 5.29
C GLN A 1193 26.25 -24.82 6.28
N ILE A 1194 25.69 -25.20 7.43
CA ILE A 1194 26.46 -25.94 8.44
C ILE A 1194 26.79 -27.33 7.91
N GLU A 1195 28.06 -27.57 7.64
CA GLU A 1195 28.50 -28.90 7.23
C GLU A 1195 28.39 -29.86 8.40
N ALA A 1196 28.04 -31.11 8.07
CA ALA A 1196 27.79 -32.11 9.10
C ALA A 1196 29.03 -32.34 9.95
N GLY A 1197 28.82 -32.47 11.27
CA GLY A 1197 29.91 -32.62 12.20
C GLY A 1197 30.50 -31.33 12.73
N SER A 1198 29.92 -30.19 12.39
CA SER A 1198 30.40 -28.91 12.90
C SER A 1198 30.16 -28.83 14.40
N THR A 1199 30.98 -28.03 15.07
CA THR A 1199 30.82 -27.81 16.51
C THR A 1199 29.47 -27.18 16.82
N GLU A 1200 29.08 -26.19 16.02
CA GLU A 1200 27.76 -25.57 16.19
C GLU A 1200 26.64 -26.57 15.94
N ARG A 1201 26.81 -27.43 14.92
CA ARG A 1201 25.84 -28.50 14.67
C ARG A 1201 25.64 -29.35 15.91
N ILE A 1202 26.73 -29.76 16.55
CA ILE A 1202 26.63 -30.58 17.75
C ILE A 1202 25.98 -29.79 18.88
N PHE A 1203 26.39 -28.53 19.05
CA PHE A 1203 25.75 -27.67 20.06
C PHE A 1203 24.28 -27.48 19.76
N LEU A 1204 23.93 -27.29 18.49
CA LEU A 1204 22.52 -27.16 18.12
C LEU A 1204 21.73 -28.42 18.51
N THR A 1205 22.27 -29.60 18.18
CA THR A 1205 21.56 -30.83 18.47
C THR A 1205 21.41 -31.05 19.98
N VAL A 1206 22.49 -30.84 20.73
CA VAL A 1206 22.41 -31.07 22.17
C VAL A 1206 21.50 -30.05 22.84
N SER A 1207 21.48 -28.81 22.33
CA SER A 1207 20.55 -27.82 22.86
C SER A 1207 19.12 -28.23 22.58
N ASN A 1208 18.85 -28.77 21.40
CA ASN A 1208 17.52 -29.29 21.11
C ASN A 1208 17.16 -30.39 22.09
N TYR A 1209 18.09 -31.32 22.34
CA TYR A 1209 17.84 -32.41 23.29
C TYR A 1209 17.47 -31.85 24.65
N ILE A 1210 18.30 -30.94 25.18
CA ILE A 1210 18.09 -30.43 26.52
C ILE A 1210 16.79 -29.65 26.61
N PHE A 1211 16.48 -28.86 25.58
CA PHE A 1211 15.28 -28.04 25.64
C PHE A 1211 14.02 -28.89 25.54
N THR A 1212 14.05 -29.94 24.72
CA THR A 1212 12.95 -30.89 24.72
C THR A 1212 12.82 -31.58 26.07
N ALA A 1213 13.94 -31.91 26.72
CA ALA A 1213 13.88 -32.50 28.04
C ALA A 1213 13.22 -31.56 29.05
N ILE A 1214 13.58 -30.28 29.01
CA ILE A 1214 12.98 -29.32 29.93
C ILE A 1214 11.49 -29.16 29.65
N PHE A 1215 11.13 -29.10 28.37
CA PHE A 1215 9.72 -28.95 28.01
C PHE A 1215 8.91 -30.16 28.45
N VAL A 1216 9.42 -31.37 28.27
CA VAL A 1216 8.67 -32.54 28.72
C VAL A 1216 8.63 -32.59 30.24
N GLY A 1217 9.67 -32.11 30.92
CA GLY A 1217 9.62 -32.05 32.37
C GLY A 1217 8.54 -31.12 32.88
N GLU A 1218 8.44 -29.93 32.31
CA GLU A 1218 7.38 -29.02 32.73
C GLU A 1218 6.02 -29.53 32.29
N MET A 1219 5.96 -30.24 31.15
CA MET A 1219 4.75 -30.95 30.77
C MET A 1219 4.29 -31.89 31.87
N THR A 1220 5.20 -32.75 32.33
CA THR A 1220 4.86 -33.70 33.39
C THR A 1220 4.42 -32.98 34.66
N LEU A 1221 5.15 -31.92 35.03
CA LEU A 1221 4.77 -31.17 36.23
C LEU A 1221 3.35 -30.64 36.11
N LYS A 1222 3.03 -29.94 35.02
CA LYS A 1222 1.74 -29.28 34.96
C LYS A 1222 0.61 -30.25 34.67
N VAL A 1223 0.92 -31.46 34.17
CA VAL A 1223 -0.16 -32.44 34.03
C VAL A 1223 -0.42 -33.13 35.37
N VAL A 1224 0.65 -33.51 36.09
CA VAL A 1224 0.43 -34.17 37.37
C VAL A 1224 -0.25 -33.20 38.33
N SER A 1225 -0.02 -31.90 38.17
CA SER A 1225 -0.82 -30.93 38.91
C SER A 1225 -2.29 -31.00 38.50
N LEU A 1226 -2.58 -31.32 37.24
CA LEU A 1226 -3.95 -31.28 36.72
C LEU A 1226 -4.48 -32.65 36.32
N GLY A 1227 -3.79 -33.35 35.44
CA GLY A 1227 -4.31 -34.58 34.85
C GLY A 1227 -4.76 -34.31 33.42
N LEU A 1228 -4.53 -35.29 32.54
CA LEU A 1228 -4.78 -35.12 31.11
C LEU A 1228 -6.23 -34.74 30.84
N TYR A 1229 -7.16 -35.64 31.16
CA TYR A 1229 -8.57 -35.43 30.86
C TYR A 1229 -9.43 -35.75 32.07
N PHE A 1230 -8.82 -35.92 33.25
CA PHE A 1230 -9.51 -36.44 34.43
C PHE A 1230 -10.43 -35.37 34.99
N GLY A 1231 -11.66 -35.35 34.46
CA GLY A 1231 -12.66 -34.41 34.91
C GLY A 1231 -12.45 -33.01 34.38
N GLU A 1232 -13.39 -32.14 34.71
CA GLU A 1232 -13.36 -30.76 34.24
C GLU A 1232 -12.24 -29.99 34.94
N GLN A 1233 -11.79 -28.91 34.29
CA GLN A 1233 -10.63 -28.14 34.73
C GLN A 1233 -9.37 -29.01 34.79
N ALA A 1234 -9.23 -29.90 33.81
CA ALA A 1234 -8.04 -30.72 33.65
C ALA A 1234 -7.04 -29.98 32.77
N TYR A 1235 -6.01 -30.70 32.32
CA TYR A 1235 -5.00 -30.12 31.46
C TYR A 1235 -5.59 -29.53 30.18
N LEU A 1236 -6.21 -30.36 29.35
CA LEU A 1236 -6.51 -29.96 27.98
C LEU A 1236 -7.78 -29.12 27.86
N ARG A 1237 -8.31 -28.58 28.96
CA ARG A 1237 -9.44 -27.67 28.90
C ARG A 1237 -9.05 -26.29 28.38
N SER A 1238 -7.76 -26.00 28.29
CA SER A 1238 -7.27 -24.75 27.75
C SER A 1238 -6.46 -25.04 26.50
N SER A 1239 -6.79 -24.32 25.42
CA SER A 1239 -6.18 -24.59 24.13
C SER A 1239 -4.67 -24.38 24.17
N TRP A 1240 -4.21 -23.39 24.93
CA TRP A 1240 -2.78 -23.13 25.02
C TRP A 1240 -2.03 -24.32 25.62
N ASN A 1241 -2.59 -24.94 26.66
CA ASN A 1241 -2.02 -26.18 27.16
C ASN A 1241 -2.10 -27.29 26.11
N VAL A 1242 -3.21 -27.33 25.36
CA VAL A 1242 -3.33 -28.29 24.27
C VAL A 1242 -2.23 -28.06 23.25
N LEU A 1243 -1.96 -26.79 22.91
CA LEU A 1243 -0.88 -26.49 21.99
C LEU A 1243 0.46 -26.93 22.57
N ASP A 1244 0.68 -26.69 23.87
CA ASP A 1244 1.90 -27.15 24.51
C ASP A 1244 2.08 -28.64 24.35
N GLY A 1245 1.03 -29.42 24.64
CA GLY A 1245 1.12 -30.86 24.51
C GLY A 1245 1.38 -31.30 23.07
N PHE A 1246 0.66 -30.70 22.12
CA PHE A 1246 0.87 -31.01 20.71
C PHE A 1246 2.33 -30.79 20.32
N LEU A 1247 2.87 -29.62 20.65
CA LEU A 1247 4.22 -29.28 20.22
C LEU A 1247 5.27 -30.15 20.92
N VAL A 1248 5.08 -30.44 22.21
CA VAL A 1248 6.07 -31.28 22.88
C VAL A 1248 6.01 -32.70 22.33
N PHE A 1249 4.81 -33.21 22.03
CA PHE A 1249 4.69 -34.54 21.46
C PHE A 1249 5.34 -34.62 20.08
N VAL A 1250 5.13 -33.61 19.24
CA VAL A 1250 5.71 -33.64 17.91
C VAL A 1250 7.24 -33.47 18.00
N SER A 1251 7.71 -32.70 18.98
CA SER A 1251 9.15 -32.63 19.21
C SER A 1251 9.72 -33.98 19.62
N ILE A 1252 8.99 -34.71 20.46
CA ILE A 1252 9.45 -36.05 20.88
C ILE A 1252 9.53 -36.98 19.67
N ILE A 1253 8.50 -36.96 18.82
CA ILE A 1253 8.54 -37.86 17.68
C ILE A 1253 9.61 -37.42 16.69
N ASP A 1254 9.88 -36.11 16.60
CA ASP A 1254 11.02 -35.64 15.84
C ASP A 1254 12.33 -36.23 16.36
N ILE A 1255 12.52 -36.20 17.68
CA ILE A 1255 13.74 -36.78 18.25
C ILE A 1255 13.81 -38.27 17.94
N VAL A 1256 12.67 -38.95 18.03
CA VAL A 1256 12.65 -40.39 17.77
C VAL A 1256 13.06 -40.68 16.34
N VAL A 1257 12.46 -39.98 15.37
CA VAL A 1257 12.75 -40.26 13.97
C VAL A 1257 14.19 -39.86 13.64
N SER A 1258 14.68 -38.79 14.26
CA SER A 1258 16.08 -38.41 14.05
C SER A 1258 17.02 -39.48 14.57
N LEU A 1259 16.71 -40.05 15.74
CA LEU A 1259 17.50 -41.17 16.25
C LEU A 1259 17.36 -42.41 15.36
N ALA A 1260 16.26 -42.51 14.61
CA ALA A 1260 16.06 -43.59 13.65
C ALA A 1260 16.63 -43.25 12.28
N SER A 1261 17.66 -42.41 12.22
CA SER A 1261 18.20 -41.96 10.94
C SER A 1261 18.72 -43.11 10.10
N ALA A 1262 19.06 -44.24 10.72
CA ALA A 1262 19.45 -45.43 9.98
C ALA A 1262 18.34 -45.87 9.05
N GLY A 1263 18.66 -46.15 7.79
CA GLY A 1263 17.66 -46.47 6.80
C GLY A 1263 16.75 -45.30 6.53
N GLY A 1264 17.34 -44.14 6.24
CA GLY A 1264 16.61 -42.89 6.08
C GLY A 1264 15.85 -42.73 4.79
N ALA A 1265 15.84 -43.75 3.92
CA ALA A 1265 15.05 -43.69 2.71
C ALA A 1265 13.57 -43.75 3.04
N LYS A 1266 12.78 -43.06 2.21
CA LYS A 1266 11.31 -43.02 2.25
C LYS A 1266 10.76 -42.32 3.49
N ILE A 1267 11.61 -41.82 4.38
CA ILE A 1267 11.19 -41.02 5.53
C ILE A 1267 11.64 -39.58 5.41
N LEU A 1268 12.21 -39.21 4.25
CA LEU A 1268 12.68 -37.83 4.06
C LEU A 1268 11.52 -36.84 4.16
N GLY A 1269 10.35 -37.20 3.61
CA GLY A 1269 9.19 -36.34 3.76
C GLY A 1269 8.80 -36.14 5.21
N VAL A 1270 8.91 -37.21 6.01
CA VAL A 1270 8.68 -37.08 7.44
C VAL A 1270 9.69 -36.10 8.04
N LEU A 1271 10.94 -36.19 7.61
CA LEU A 1271 11.94 -35.25 8.09
C LEU A 1271 11.56 -33.81 7.75
N ARG A 1272 11.06 -33.58 6.53
CA ARG A 1272 10.65 -32.23 6.15
C ARG A 1272 9.51 -31.73 7.04
N VAL A 1273 8.46 -32.53 7.20
CA VAL A 1273 7.31 -32.05 7.96
C VAL A 1273 7.69 -31.81 9.41
N LEU A 1274 8.59 -32.64 9.95
CA LEU A 1274 9.05 -32.41 11.32
C LEU A 1274 9.93 -31.17 11.42
N ARG A 1275 10.74 -30.87 10.40
CA ARG A 1275 11.49 -29.61 10.45
C ARG A 1275 10.54 -28.42 10.46
N LEU A 1276 9.51 -28.46 9.59
CA LEU A 1276 8.51 -27.40 9.59
C LEU A 1276 7.86 -27.25 10.96
N LEU A 1277 7.51 -28.37 11.59
CA LEU A 1277 6.83 -28.27 12.87
C LEU A 1277 7.75 -27.78 13.99
N ARG A 1278 9.03 -28.18 14.02
CA ARG A 1278 9.88 -27.61 15.06
C ARG A 1278 10.18 -26.14 14.79
N THR A 1279 10.09 -25.70 13.53
CA THR A 1279 10.13 -24.27 13.28
C THR A 1279 8.87 -23.58 13.79
N LEU A 1280 7.73 -24.28 13.70
CA LEU A 1280 6.50 -23.74 14.30
C LEU A 1280 6.58 -23.72 15.82
N ARG A 1281 7.47 -24.52 16.41
CA ARG A 1281 7.53 -24.67 17.87
C ARG A 1281 7.56 -23.36 18.66
N PRO A 1282 8.43 -22.38 18.37
CA PRO A 1282 8.50 -21.20 19.24
C PRO A 1282 7.26 -20.32 19.16
N LEU A 1283 6.17 -20.79 19.77
CA LEU A 1283 4.92 -20.05 19.81
C LEU A 1283 4.31 -19.99 21.21
N ARG A 1284 4.76 -20.85 22.12
CA ARG A 1284 4.21 -20.97 23.46
C ARG A 1284 4.30 -19.67 24.28
N VAL A 1285 4.97 -18.64 23.77
CA VAL A 1285 5.03 -17.37 24.50
C VAL A 1285 3.65 -16.82 24.76
N ILE A 1286 2.72 -16.99 23.82
CA ILE A 1286 1.36 -16.50 24.02
C ILE A 1286 0.76 -17.14 25.27
N SER A 1287 1.00 -18.43 25.47
CA SER A 1287 0.58 -19.08 26.71
C SER A 1287 1.33 -18.51 27.90
N ARG A 1288 2.62 -18.19 27.71
CA ARG A 1288 3.46 -17.71 28.80
C ARG A 1288 3.43 -16.19 28.95
N ALA A 1289 2.60 -15.49 28.18
CA ALA A 1289 2.50 -14.04 28.30
C ALA A 1289 1.04 -13.63 28.41
N PRO A 1290 0.66 -12.94 29.49
CA PRO A 1290 -0.76 -12.58 29.64
C PRO A 1290 -1.25 -11.58 28.61
N GLY A 1291 -0.55 -10.46 28.44
CA GLY A 1291 -1.01 -9.45 27.50
C GLY A 1291 -1.05 -9.97 26.08
N LEU A 1292 -0.02 -10.71 25.68
CA LEU A 1292 0.01 -11.30 24.35
C LEU A 1292 -1.13 -12.30 24.16
N LYS A 1293 -1.42 -13.09 25.19
CA LYS A 1293 -2.54 -14.02 25.11
C LYS A 1293 -3.86 -13.29 24.92
N LEU A 1294 -4.08 -12.22 25.69
CA LEU A 1294 -5.30 -11.45 25.53
C LEU A 1294 -5.38 -10.82 24.15
N VAL A 1295 -4.25 -10.36 23.63
CA VAL A 1295 -4.22 -9.80 22.28
C VAL A 1295 -4.61 -10.85 21.25
N VAL A 1296 -4.05 -12.06 21.36
CA VAL A 1296 -4.38 -13.11 20.39
C VAL A 1296 -5.85 -13.48 20.49
N GLU A 1297 -6.39 -13.50 21.71
CA GLU A 1297 -7.82 -13.76 21.85
C GLU A 1297 -8.64 -12.67 21.17
N THR A 1298 -8.18 -11.41 21.27
CA THR A 1298 -8.86 -10.33 20.58
C THR A 1298 -8.82 -10.51 19.07
N LEU A 1299 -7.64 -10.87 18.55
CA LEU A 1299 -7.52 -11.20 17.13
C LEU A 1299 -8.52 -12.26 16.71
N ILE A 1300 -8.58 -13.37 17.45
CA ILE A 1300 -9.44 -14.48 17.04
C ILE A 1300 -10.91 -14.08 17.14
N SER A 1301 -11.31 -13.51 18.29
CA SER A 1301 -12.71 -13.17 18.48
C SER A 1301 -13.18 -12.08 17.52
N SER A 1302 -12.29 -11.18 17.11
CA SER A 1302 -12.65 -10.10 16.20
C SER A 1302 -12.80 -10.59 14.76
N LEU A 1303 -12.41 -11.83 14.48
CA LEU A 1303 -12.47 -12.38 13.14
C LEU A 1303 -13.81 -12.97 12.76
N LYS A 1304 -14.53 -13.54 13.73
CA LYS A 1304 -15.84 -14.11 13.44
C LYS A 1304 -16.83 -13.12 12.84
N PRO A 1305 -16.93 -11.87 13.30
CA PRO A 1305 -17.90 -10.95 12.67
C PRO A 1305 -17.69 -10.75 11.19
N ILE A 1306 -16.45 -10.79 10.71
CA ILE A 1306 -16.17 -10.58 9.30
C ILE A 1306 -15.99 -11.93 8.61
N GLY A 1307 -16.37 -13.01 9.29
CA GLY A 1307 -16.29 -14.32 8.69
C GLY A 1307 -17.16 -14.44 7.46
N ASN A 1308 -18.37 -13.87 7.51
CA ASN A 1308 -19.25 -13.91 6.35
C ASN A 1308 -18.68 -13.11 5.19
N ILE A 1309 -18.07 -11.96 5.47
CA ILE A 1309 -17.44 -11.18 4.42
C ILE A 1309 -16.29 -11.96 3.80
N VAL A 1310 -15.53 -12.68 4.63
CA VAL A 1310 -14.44 -13.50 4.10
C VAL A 1310 -14.99 -14.60 3.20
N LEU A 1311 -16.10 -15.22 3.60
CA LEU A 1311 -16.70 -16.24 2.76
C LEU A 1311 -17.19 -15.66 1.44
N ILE A 1312 -17.78 -14.46 1.48
CA ILE A 1312 -18.23 -13.81 0.25
C ILE A 1312 -17.05 -13.52 -0.66
N CYS A 1313 -15.95 -13.01 -0.09
CA CYS A 1313 -14.76 -12.73 -0.88
C CYS A 1313 -14.18 -14.00 -1.48
N CYS A 1314 -14.18 -15.10 -0.73
CA CYS A 1314 -13.72 -16.37 -1.28
C CYS A 1314 -14.61 -16.84 -2.42
N ALA A 1315 -15.92 -16.65 -2.27
CA ALA A 1315 -16.84 -17.02 -3.35
C ALA A 1315 -16.55 -16.20 -4.60
N PHE A 1316 -16.31 -14.90 -4.44
CA PHE A 1316 -16.00 -14.07 -5.60
C PHE A 1316 -14.66 -14.45 -6.21
N PHE A 1317 -13.68 -14.83 -5.38
CA PHE A 1317 -12.42 -15.33 -5.92
C PHE A 1317 -12.65 -16.57 -6.76
N ILE A 1318 -13.47 -17.50 -6.27
CA ILE A 1318 -13.73 -18.72 -7.02
C ILE A 1318 -14.42 -18.41 -8.35
N ILE A 1319 -15.47 -17.58 -8.31
CA ILE A 1319 -16.23 -17.33 -9.53
C ILE A 1319 -15.38 -16.59 -10.56
N PHE A 1320 -14.63 -15.57 -10.11
CA PHE A 1320 -13.76 -14.87 -11.04
C PHE A 1320 -12.62 -15.75 -11.53
N GLY A 1321 -12.17 -16.72 -10.73
CA GLY A 1321 -11.21 -17.68 -11.22
C GLY A 1321 -11.78 -18.52 -12.35
N ILE A 1322 -13.05 -18.90 -12.23
CA ILE A 1322 -13.68 -19.65 -13.32
C ILE A 1322 -13.84 -18.77 -14.55
N LEU A 1323 -14.16 -17.48 -14.36
CA LEU A 1323 -14.15 -16.55 -15.49
C LEU A 1323 -12.78 -16.53 -16.16
N GLY A 1324 -11.73 -16.44 -15.35
CA GLY A 1324 -10.38 -16.40 -15.91
C GLY A 1324 -10.05 -17.66 -16.68
N VAL A 1325 -10.43 -18.82 -16.14
CA VAL A 1325 -10.23 -20.07 -16.86
C VAL A 1325 -10.97 -20.05 -18.19
N GLN A 1326 -12.23 -19.61 -18.17
CA GLN A 1326 -13.02 -19.60 -19.40
C GLN A 1326 -12.40 -18.69 -20.46
N LEU A 1327 -11.92 -17.52 -20.05
CA LEU A 1327 -11.37 -16.58 -21.02
C LEU A 1327 -9.97 -17.00 -21.47
N PHE A 1328 -9.02 -17.09 -20.53
CA PHE A 1328 -7.64 -17.46 -20.83
C PHE A 1328 -7.45 -18.92 -20.45
N LYS A 1329 -7.14 -19.76 -21.43
CA LYS A 1329 -6.93 -21.18 -21.18
C LYS A 1329 -5.47 -21.58 -21.36
N GLY A 1330 -4.90 -21.35 -22.53
CA GLY A 1330 -3.52 -21.65 -22.79
C GLY A 1330 -2.90 -20.50 -23.55
N LYS A 1331 -3.57 -19.35 -23.52
CA LYS A 1331 -3.11 -18.19 -24.26
C LYS A 1331 -1.97 -17.47 -23.57
N PHE A 1332 -1.55 -17.93 -22.40
CA PHE A 1332 -0.45 -17.31 -21.67
C PHE A 1332 0.88 -17.98 -22.01
N TYR A 1333 1.15 -18.04 -23.32
CA TYR A 1333 2.41 -18.54 -23.84
C TYR A 1333 3.02 -17.45 -24.70
N HIS A 1334 4.33 -17.24 -24.57
CA HIS A 1334 5.02 -16.25 -25.38
C HIS A 1334 6.42 -16.76 -25.69
N CYS A 1335 6.84 -16.52 -26.94
CA CYS A 1335 8.15 -16.95 -27.41
C CYS A 1335 9.17 -15.90 -27.02
N LEU A 1336 9.92 -16.19 -25.96
CA LEU A 1336 10.97 -15.29 -25.49
C LEU A 1336 12.23 -15.55 -26.31
N GLY A 1337 12.76 -14.50 -26.92
CA GLY A 1337 13.96 -14.64 -27.71
C GLY A 1337 14.60 -13.30 -28.00
N VAL A 1338 15.71 -13.34 -28.74
CA VAL A 1338 16.43 -12.12 -29.06
C VAL A 1338 15.64 -11.27 -30.04
N ASP A 1339 14.99 -11.91 -31.02
CA ASP A 1339 14.16 -11.22 -31.99
C ASP A 1339 12.75 -10.99 -31.46
N THR A 1340 12.03 -12.07 -31.15
CA THR A 1340 10.67 -11.99 -30.62
C THR A 1340 9.79 -11.13 -31.52
N ARG A 1341 9.86 -11.41 -32.82
CA ARG A 1341 9.14 -10.59 -33.79
C ARG A 1341 8.91 -11.44 -35.03
N ASN A 1342 7.96 -10.98 -35.86
CA ASN A 1342 7.50 -11.51 -37.14
C ASN A 1342 7.15 -13.00 -37.09
N ILE A 1343 6.97 -13.56 -35.90
CA ILE A 1343 6.59 -14.95 -35.73
C ILE A 1343 5.24 -14.99 -35.03
N THR A 1344 4.44 -15.99 -35.36
CA THR A 1344 3.09 -16.10 -34.82
C THR A 1344 2.94 -17.27 -33.85
N ASN A 1345 3.21 -18.49 -34.30
CA ASN A 1345 2.88 -19.68 -33.53
C ASN A 1345 4.13 -20.37 -33.01
N ARG A 1346 3.90 -21.38 -32.18
CA ARG A 1346 5.02 -22.11 -31.57
C ARG A 1346 5.89 -22.78 -32.61
N SER A 1347 5.32 -23.17 -33.75
CA SER A 1347 6.14 -23.73 -34.81
C SER A 1347 7.16 -22.70 -35.31
N ASP A 1348 6.73 -21.46 -35.47
CA ASP A 1348 7.66 -20.40 -35.88
C ASP A 1348 8.70 -20.17 -34.80
N CYS A 1349 8.30 -20.22 -33.53
CA CYS A 1349 9.25 -20.06 -32.44
C CYS A 1349 10.33 -21.13 -32.46
N MET A 1350 9.93 -22.40 -32.60
CA MET A 1350 10.92 -23.47 -32.63
C MET A 1350 11.73 -23.43 -33.91
N ALA A 1351 11.17 -22.86 -34.99
CA ALA A 1351 11.99 -22.57 -36.17
C ALA A 1351 13.07 -21.56 -35.83
N ALA A 1352 12.73 -20.53 -35.07
CA ALA A 1352 13.74 -19.62 -34.54
C ALA A 1352 14.50 -20.23 -33.37
N ASN A 1353 13.96 -21.29 -32.77
CA ASN A 1353 14.64 -22.06 -31.72
C ASN A 1353 14.93 -21.21 -30.48
N TYR A 1354 14.05 -20.25 -30.18
CA TYR A 1354 14.35 -19.37 -29.04
C TYR A 1354 13.94 -20.02 -27.72
N ARG A 1355 12.63 -20.09 -27.45
CA ARG A 1355 12.05 -20.90 -26.37
C ARG A 1355 10.54 -20.69 -26.37
N TRP A 1356 9.78 -21.67 -25.88
CA TRP A 1356 8.34 -21.52 -25.69
C TRP A 1356 8.12 -21.34 -24.18
N VAL A 1357 8.25 -20.11 -23.73
CA VAL A 1357 8.19 -19.80 -22.31
C VAL A 1357 6.73 -19.76 -21.86
N HIS A 1358 6.44 -20.41 -20.75
CA HIS A 1358 5.11 -20.45 -20.17
C HIS A 1358 5.15 -19.72 -18.83
N HIS A 1359 4.31 -18.70 -18.69
CA HIS A 1359 4.41 -17.80 -17.54
C HIS A 1359 4.15 -18.54 -16.24
N LYS A 1360 4.72 -18.01 -15.15
CA LYS A 1360 4.46 -18.53 -13.82
C LYS A 1360 3.09 -18.11 -13.29
N TYR A 1361 2.49 -17.08 -13.85
CA TYR A 1361 1.19 -16.56 -13.44
C TYR A 1361 0.26 -16.73 -14.63
N ASN A 1362 -0.60 -17.75 -14.58
CA ASN A 1362 -1.34 -18.16 -15.75
C ASN A 1362 -2.59 -18.92 -15.34
N PHE A 1363 -3.47 -19.12 -16.32
CA PHE A 1363 -4.83 -19.60 -16.07
C PHE A 1363 -5.07 -20.98 -16.67
N ASP A 1364 -4.04 -21.84 -16.70
CA ASP A 1364 -4.23 -23.16 -17.29
C ASP A 1364 -5.29 -23.96 -16.54
N ASN A 1365 -5.09 -24.17 -15.25
CA ASN A 1365 -6.10 -24.80 -14.41
C ASN A 1365 -6.79 -23.74 -13.56
N LEU A 1366 -7.67 -24.20 -12.66
CA LEU A 1366 -8.28 -23.30 -11.70
C LEU A 1366 -7.33 -22.93 -10.56
N GLY A 1367 -6.45 -23.84 -10.14
CA GLY A 1367 -5.58 -23.53 -9.01
C GLY A 1367 -4.62 -22.39 -9.29
N GLN A 1368 -3.92 -22.45 -10.43
CA GLN A 1368 -3.04 -21.35 -10.77
C GLN A 1368 -3.83 -20.10 -11.11
N ALA A 1369 -5.07 -20.27 -11.57
CA ALA A 1369 -5.95 -19.12 -11.73
C ALA A 1369 -6.22 -18.46 -10.39
N LEU A 1370 -6.45 -19.26 -9.35
CA LEU A 1370 -6.68 -18.70 -8.02
C LEU A 1370 -5.44 -17.99 -7.50
N MET A 1371 -4.27 -18.59 -7.72
CA MET A 1371 -3.02 -17.93 -7.30
C MET A 1371 -2.84 -16.60 -8.02
N SER A 1372 -3.06 -16.59 -9.34
CA SER A 1372 -2.93 -15.37 -10.11
C SER A 1372 -3.94 -14.32 -9.67
N LEU A 1373 -5.17 -14.74 -9.36
CA LEU A 1373 -6.16 -13.79 -8.87
C LEU A 1373 -5.78 -13.26 -7.49
N PHE A 1374 -5.15 -14.06 -6.65
CA PHE A 1374 -4.70 -13.53 -5.37
C PHE A 1374 -3.62 -12.47 -5.58
N VAL A 1375 -2.69 -12.73 -6.49
CA VAL A 1375 -1.67 -11.72 -6.80
C VAL A 1375 -2.32 -10.47 -7.36
N LEU A 1376 -3.25 -10.64 -8.30
CA LEU A 1376 -3.92 -9.51 -8.94
C LEU A 1376 -4.68 -8.66 -7.92
N ALA A 1377 -5.34 -9.31 -6.96
CA ALA A 1377 -6.05 -8.59 -5.91
C ALA A 1377 -5.11 -7.98 -4.89
N SER A 1378 -3.82 -8.28 -4.95
CA SER A 1378 -2.86 -7.79 -3.97
C SER A 1378 -2.23 -6.47 -4.37
N LYS A 1379 -2.69 -5.85 -5.46
CA LYS A 1379 -2.20 -4.54 -5.89
C LYS A 1379 -0.69 -4.55 -6.09
N ASP A 1380 -0.17 -5.66 -6.57
CA ASP A 1380 1.26 -5.77 -6.87
C ASP A 1380 1.47 -6.84 -7.92
N GLY A 1381 2.31 -6.53 -8.91
CA GLY A 1381 2.54 -7.43 -10.01
C GLY A 1381 1.29 -7.61 -10.87
N TRP A 1382 0.27 -6.80 -10.59
CA TRP A 1382 -0.99 -6.93 -11.32
C TRP A 1382 -0.93 -6.32 -12.70
N VAL A 1383 -0.05 -5.35 -12.91
CA VAL A 1383 0.11 -4.76 -14.24
C VAL A 1383 0.58 -5.80 -15.24
N ASN A 1384 1.55 -6.64 -14.86
CA ASN A 1384 2.05 -7.64 -15.78
C ASN A 1384 0.98 -8.67 -16.13
N ILE A 1385 0.19 -9.09 -15.14
CA ILE A 1385 -0.91 -10.01 -15.40
C ILE A 1385 -1.92 -9.37 -16.34
N MET A 1386 -2.24 -8.10 -16.10
CA MET A 1386 -3.15 -7.38 -16.99
C MET A 1386 -2.60 -7.31 -18.41
N TYR A 1387 -1.29 -7.11 -18.54
CA TYR A 1387 -0.68 -7.05 -19.85
C TYR A 1387 -0.78 -8.38 -20.58
N ASN A 1388 -0.48 -9.47 -19.87
CA ASN A 1388 -0.56 -10.78 -20.51
C ASN A 1388 -2.00 -11.17 -20.78
N GLY A 1389 -2.94 -10.54 -20.08
CA GLY A 1389 -4.34 -10.76 -20.38
C GLY A 1389 -4.79 -10.06 -21.64
N LEU A 1390 -4.49 -8.75 -21.74
CA LEU A 1390 -4.85 -8.00 -22.93
C LEU A 1390 -4.15 -8.57 -24.16
N ASP A 1391 -2.88 -8.95 -24.03
CA ASP A 1391 -2.14 -9.41 -25.18
C ASP A 1391 -2.57 -10.81 -25.62
N ALA A 1392 -3.24 -11.56 -24.75
CA ALA A 1392 -3.59 -12.93 -25.06
C ALA A 1392 -4.43 -13.01 -26.32
N VAL A 1393 -4.12 -13.99 -27.18
CA VAL A 1393 -4.79 -14.10 -28.47
C VAL A 1393 -5.54 -15.41 -28.61
N ALA A 1394 -4.84 -16.53 -28.52
CA ALA A 1394 -5.46 -17.84 -28.66
C ALA A 1394 -4.53 -18.90 -28.07
N VAL A 1395 -4.81 -20.16 -28.38
CA VAL A 1395 -4.24 -21.27 -27.63
C VAL A 1395 -2.73 -21.36 -27.81
N ASP A 1396 -2.24 -21.30 -29.05
CA ASP A 1396 -0.85 -21.66 -29.29
C ASP A 1396 -0.15 -20.73 -30.27
N GLN A 1397 -0.33 -19.41 -30.12
CA GLN A 1397 0.47 -18.49 -30.90
C GLN A 1397 0.77 -17.22 -30.12
N GLN A 1398 1.65 -16.40 -30.71
CA GLN A 1398 2.22 -15.26 -30.02
C GLN A 1398 1.15 -14.24 -29.63
N PRO A 1399 1.12 -13.77 -28.39
CA PRO A 1399 0.31 -12.60 -28.06
C PRO A 1399 0.81 -11.38 -28.82
N VAL A 1400 -0.12 -10.50 -29.17
CA VAL A 1400 0.23 -9.24 -29.83
C VAL A 1400 -0.14 -8.10 -28.90
N THR A 1401 0.51 -6.96 -29.10
CA THR A 1401 0.30 -5.83 -28.22
C THR A 1401 -1.16 -5.38 -28.22
N ASN A 1402 -1.81 -5.50 -27.07
CA ASN A 1402 -3.19 -5.09 -26.89
C ASN A 1402 -4.12 -5.76 -27.89
N HIS A 1403 -4.12 -7.10 -27.89
CA HIS A 1403 -4.95 -7.84 -28.82
C HIS A 1403 -6.43 -7.61 -28.55
N ASN A 1404 -6.85 -7.80 -27.30
CA ASN A 1404 -8.25 -7.76 -26.92
C ASN A 1404 -8.40 -6.81 -25.73
N PRO A 1405 -8.53 -5.51 -25.97
CA PRO A 1405 -8.57 -4.55 -24.86
C PRO A 1405 -9.74 -4.75 -23.90
N TRP A 1406 -10.80 -5.46 -24.30
CA TRP A 1406 -11.97 -5.58 -23.45
C TRP A 1406 -11.68 -6.31 -22.14
N MET A 1407 -10.64 -7.16 -22.10
CA MET A 1407 -10.28 -7.82 -20.85
C MET A 1407 -9.88 -6.84 -19.76
N LEU A 1408 -9.55 -5.60 -20.14
CA LEU A 1408 -9.30 -4.56 -19.15
C LEU A 1408 -10.49 -4.39 -18.21
N LEU A 1409 -11.70 -4.51 -18.75
CA LEU A 1409 -12.89 -4.38 -17.91
C LEU A 1409 -12.92 -5.44 -16.83
N TYR A 1410 -12.65 -6.70 -17.20
CA TYR A 1410 -12.52 -7.77 -16.23
C TYR A 1410 -11.45 -7.44 -15.19
N PHE A 1411 -10.26 -7.09 -15.66
CA PHE A 1411 -9.13 -6.90 -14.76
C PHE A 1411 -9.31 -5.72 -13.83
N ILE A 1412 -10.13 -4.75 -14.19
CA ILE A 1412 -10.34 -3.58 -13.34
C ILE A 1412 -11.51 -3.84 -12.40
N SER A 1413 -12.53 -4.53 -12.91
CA SER A 1413 -13.66 -4.90 -12.07
C SER A 1413 -13.21 -5.76 -10.90
N PHE A 1414 -12.26 -6.67 -11.16
CA PHE A 1414 -11.79 -7.51 -10.07
C PHE A 1414 -11.15 -6.68 -8.96
N LEU A 1415 -10.30 -5.72 -9.35
CA LEU A 1415 -9.67 -4.86 -8.35
C LEU A 1415 -10.70 -4.06 -7.57
N LEU A 1416 -11.67 -3.48 -8.26
CA LEU A 1416 -12.67 -2.68 -7.55
C LEU A 1416 -13.48 -3.53 -6.58
N ILE A 1417 -13.91 -4.72 -7.01
CA ILE A 1417 -14.72 -5.56 -6.14
C ILE A 1417 -13.91 -6.04 -4.94
N VAL A 1418 -12.69 -6.52 -5.16
CA VAL A 1418 -11.90 -7.01 -4.03
C VAL A 1418 -11.53 -5.87 -3.08
N SER A 1419 -11.19 -4.70 -3.62
CA SER A 1419 -10.93 -3.56 -2.75
C SER A 1419 -12.16 -3.22 -1.92
N PHE A 1420 -13.34 -3.28 -2.53
CA PHE A 1420 -14.56 -2.97 -1.78
C PHE A 1420 -14.77 -3.99 -0.66
N PHE A 1421 -14.53 -5.27 -0.93
CA PHE A 1421 -14.72 -6.27 0.12
C PHE A 1421 -13.70 -6.12 1.23
N VAL A 1422 -12.45 -5.78 0.89
CA VAL A 1422 -11.45 -5.58 1.93
C VAL A 1422 -11.81 -4.35 2.76
N LEU A 1423 -12.33 -3.32 2.12
CA LEU A 1423 -12.80 -2.14 2.84
C LEU A 1423 -13.96 -2.49 3.76
N ASN A 1424 -14.87 -3.35 3.30
CA ASN A 1424 -15.94 -3.82 4.16
C ASN A 1424 -15.40 -4.60 5.35
N MET A 1425 -14.37 -5.41 5.13
CA MET A 1425 -13.74 -6.12 6.24
C MET A 1425 -13.18 -5.14 7.26
N PHE A 1426 -12.48 -4.10 6.78
CA PHE A 1426 -11.90 -3.12 7.69
C PHE A 1426 -12.97 -2.40 8.48
N VAL A 1427 -14.01 -1.91 7.81
CA VAL A 1427 -15.03 -1.15 8.52
C VAL A 1427 -15.80 -2.07 9.47
N GLY A 1428 -15.98 -3.34 9.11
CA GLY A 1428 -16.61 -4.27 10.01
C GLY A 1428 -15.80 -4.49 11.28
N VAL A 1429 -14.48 -4.65 11.12
CA VAL A 1429 -13.62 -4.77 12.29
C VAL A 1429 -13.74 -3.53 13.16
N VAL A 1430 -13.72 -2.35 12.54
CA VAL A 1430 -13.77 -1.11 13.30
C VAL A 1430 -15.07 -1.00 14.08
N VAL A 1431 -16.20 -1.25 13.41
CA VAL A 1431 -17.48 -1.10 14.07
C VAL A 1431 -17.67 -2.15 15.15
N GLU A 1432 -17.25 -3.39 14.90
CA GLU A 1432 -17.39 -4.44 15.91
C GLU A 1432 -16.57 -4.10 17.14
N ASN A 1433 -15.32 -3.68 16.95
CA ASN A 1433 -14.50 -3.29 18.08
C ASN A 1433 -15.14 -2.11 18.81
N PHE A 1434 -15.71 -1.17 18.05
CA PHE A 1434 -16.37 -0.02 18.66
C PHE A 1434 -17.49 -0.46 19.59
N HIS A 1435 -18.34 -1.37 19.12
CA HIS A 1435 -19.44 -1.85 19.95
C HIS A 1435 -18.94 -2.52 21.22
N LYS A 1436 -17.90 -3.35 21.08
CA LYS A 1436 -17.28 -3.94 22.26
C LYS A 1436 -16.66 -2.86 23.14
N CYS A 1437 -15.97 -1.90 22.53
CA CYS A 1437 -15.48 -0.77 23.32
C CYS A 1437 -16.63 0.01 23.93
N ARG A 1438 -17.68 0.25 23.15
CA ARG A 1438 -18.79 1.11 23.59
C ARG A 1438 -19.33 0.68 24.94
N GLN A 1439 -19.31 -0.63 25.21
CA GLN A 1439 -19.76 -1.11 26.50
C GLN A 1439 -18.85 -0.61 27.62
N HIS A 1440 -17.53 -0.60 27.37
CA HIS A 1440 -16.59 -0.23 28.43
C HIS A 1440 -16.79 1.20 28.91
N GLN A 1441 -16.72 2.20 28.01
CA GLN A 1441 -16.83 3.57 28.52
C GLN A 1441 -18.20 3.79 29.12
N GLU A 1442 -19.20 3.03 28.66
CA GLU A 1442 -20.47 2.98 29.37
C GLU A 1442 -20.27 2.39 30.76
N ALA A 1443 -19.46 1.34 30.85
CA ALA A 1443 -19.28 0.66 32.13
C ALA A 1443 -18.39 1.46 33.08
N GLU A 1444 -17.10 1.59 32.76
CA GLU A 1444 -16.17 2.10 33.76
C GLU A 1444 -15.89 3.59 33.62
N GLU A 1445 -15.92 4.15 32.40
CA GLU A 1445 -15.68 5.58 32.24
C GLU A 1445 -16.72 6.42 32.99
N ALA A 1446 -17.86 5.83 33.34
CA ALA A 1446 -18.76 6.48 34.27
C ALA A 1446 -18.08 6.73 35.61
N ARG A 1447 -17.05 5.94 35.95
CA ARG A 1447 -16.39 6.11 37.24
C ARG A 1447 -15.32 7.21 37.21
N ARG A 1448 -14.66 7.43 36.07
CA ARG A 1448 -13.74 8.56 35.97
C ARG A 1448 -14.45 9.91 35.89
N ARG A 1449 -15.67 9.97 35.35
CA ARG A 1449 -16.31 11.28 35.33
C ARG A 1449 -16.66 11.77 36.74
N GLU A 1450 -16.59 10.88 37.73
CA GLU A 1450 -16.64 11.31 39.12
C GLU A 1450 -15.35 12.01 39.51
N GLU A 1451 -14.22 11.64 38.90
CA GLU A 1451 -12.93 12.17 39.32
C GLU A 1451 -12.44 13.33 38.46
N LYS A 1452 -12.89 13.46 37.20
CA LYS A 1452 -12.45 14.59 36.40
C LYS A 1452 -12.89 15.91 37.01
N ARG A 1453 -14.09 15.97 37.60
CA ARG A 1453 -14.48 17.14 38.38
C ARG A 1453 -13.76 17.20 39.72
N LEU A 1454 -13.29 16.07 40.24
CA LEU A 1454 -12.41 16.10 41.41
C LEU A 1454 -11.08 16.75 41.06
N ARG A 1455 -10.55 16.48 39.86
CA ARG A 1455 -9.37 17.20 39.40
C ARG A 1455 -9.67 18.68 39.25
N ARG A 1456 -10.90 19.04 38.89
CA ARG A 1456 -11.31 20.45 38.94
C ARG A 1456 -11.24 20.98 40.36
N LEU A 1457 -11.68 20.17 41.33
CA LEU A 1457 -11.54 20.55 42.74
C LEU A 1457 -10.07 20.61 43.14
N GLU A 1458 -9.23 19.76 42.55
CA GLU A 1458 -7.79 19.83 42.79
C GLU A 1458 -7.23 21.17 42.32
N LYS A 1459 -7.66 21.64 41.14
CA LYS A 1459 -7.16 22.91 40.62
C LYS A 1459 -7.63 24.08 41.46
N LYS A 1460 -8.69 23.89 42.26
CA LYS A 1460 -9.14 24.95 43.15
C LYS A 1460 -8.13 25.20 44.27
N ARG A 1461 -7.28 24.21 44.54
CA ARG A 1461 -6.22 24.40 45.51
C ARG A 1461 -5.08 25.22 44.92
N ARG A 1462 -5.01 25.24 43.59
CA ARG A 1462 -3.86 25.76 42.84
C ARG A 1462 -3.93 27.26 42.59
N LYS A 1463 -4.96 27.93 43.09
CA LYS A 1463 -5.34 29.31 42.71
C LYS A 1463 -4.10 30.20 42.70
N ALA A 1464 -3.43 30.43 43.84
CA ALA A 1464 -2.26 31.30 43.89
C ALA A 1464 -1.44 30.98 45.14
N GLN A 1465 -0.35 30.25 44.95
CA GLN A 1465 0.58 29.97 46.04
C GLN A 1465 1.72 30.98 46.08
N ARG A 1466 1.37 32.27 46.06
CA ARG A 1466 2.33 33.38 46.05
C ARG A 1466 3.55 33.07 45.18
N LEU A 1467 3.30 32.92 43.89
CA LEU A 1467 4.32 32.48 42.96
C LEU A 1467 5.53 33.41 43.00
N PRO A 1468 6.75 32.88 42.82
CA PRO A 1468 7.94 33.72 43.04
C PRO A 1468 8.19 34.71 41.92
N TYR A 1469 7.15 35.41 41.48
CA TYR A 1469 7.36 36.55 40.60
C TYR A 1469 7.92 37.75 41.37
N TYR A 1470 7.50 37.92 42.63
CA TYR A 1470 7.92 39.06 43.43
C TYR A 1470 9.41 39.05 43.71
N ALA A 1471 10.03 37.87 43.75
CA ALA A 1471 11.47 37.79 43.97
C ALA A 1471 12.26 38.41 42.82
N THR A 1472 11.78 38.24 41.59
CA THR A 1472 12.52 38.70 40.42
C THR A 1472 12.55 40.21 40.26
N TYR A 1473 11.41 40.90 40.43
CA TYR A 1473 11.38 42.32 40.12
C TYR A 1473 12.23 43.14 41.08
N CYS A 1474 12.72 44.28 40.59
CA CYS A 1474 13.61 45.20 41.30
C CYS A 1474 14.98 44.59 41.54
N HIS A 1475 15.20 43.36 41.08
CA HIS A 1475 16.52 42.72 41.10
C HIS A 1475 17.19 42.76 39.74
N THR A 1476 16.94 43.84 38.98
CA THR A 1476 17.53 44.09 37.66
C THR A 1476 16.91 43.17 36.61
N ARG A 1477 16.05 42.24 37.05
CA ARG A 1477 15.31 41.37 36.14
C ARG A 1477 13.81 41.61 36.21
N LEU A 1478 13.40 42.84 36.53
CA LEU A 1478 11.98 43.15 36.70
C LEU A 1478 11.17 42.92 35.43
N LEU A 1479 11.77 43.07 34.25
CA LEU A 1479 11.07 42.82 32.99
C LEU A 1479 11.34 41.42 32.45
N ILE A 1480 12.38 40.75 32.94
CA ILE A 1480 12.72 39.42 32.44
C ILE A 1480 11.61 38.43 32.76
N HIS A 1481 11.10 38.46 33.99
CA HIS A 1481 10.12 37.46 34.40
C HIS A 1481 8.82 37.60 33.63
N SER A 1482 8.47 38.82 33.22
CA SER A 1482 7.17 39.07 32.59
C SER A 1482 7.29 39.43 31.11
N MET A 1483 8.08 40.46 30.77
CA MET A 1483 8.15 40.88 29.38
C MET A 1483 8.88 39.87 28.51
N CYS A 1484 9.87 39.16 29.05
CA CYS A 1484 10.62 38.18 28.30
C CYS A 1484 9.97 36.81 28.30
N THR A 1485 8.86 36.63 29.02
CA THR A 1485 8.11 35.39 29.01
C THR A 1485 6.80 35.52 28.23
N SER A 1486 6.59 36.65 27.56
CA SER A 1486 5.37 36.85 26.78
C SER A 1486 5.48 36.19 25.41
N HIS A 1487 4.34 36.13 24.73
CA HIS A 1487 4.31 35.53 23.39
C HIS A 1487 4.98 36.40 22.35
N TYR A 1488 5.18 37.69 22.64
CA TYR A 1488 5.78 38.59 21.67
C TYR A 1488 7.20 38.18 21.30
N LEU A 1489 7.92 37.52 22.21
CA LEU A 1489 9.29 37.10 21.95
C LEU A 1489 9.41 35.63 21.57
N ASP A 1490 8.42 34.81 21.93
CA ASP A 1490 8.40 33.41 21.51
C ASP A 1490 8.15 33.25 20.03
N ILE A 1491 7.29 34.09 19.44
CA ILE A 1491 7.13 34.07 17.99
C ILE A 1491 8.42 34.48 17.30
N PHE A 1492 9.21 35.34 17.95
CA PHE A 1492 10.52 35.68 17.40
C PHE A 1492 11.42 34.46 17.35
N ILE A 1493 11.40 33.65 18.40
CA ILE A 1493 12.15 32.39 18.40
C ILE A 1493 11.63 31.47 17.30
N THR A 1494 10.32 31.42 17.13
CA THR A 1494 9.73 30.60 16.07
C THR A 1494 10.23 31.06 14.70
N PHE A 1495 10.30 32.37 14.48
CA PHE A 1495 10.79 32.90 13.22
C PHE A 1495 12.27 32.57 13.02
N ILE A 1496 13.05 32.64 14.09
CA ILE A 1496 14.45 32.23 14.01
C ILE A 1496 14.55 30.77 13.59
N ILE A 1497 13.71 29.91 14.17
CA ILE A 1497 13.74 28.50 13.82
C ILE A 1497 13.35 28.29 12.37
N CYS A 1498 12.35 29.04 11.89
CA CYS A 1498 11.98 28.94 10.47
C CYS A 1498 13.14 29.36 9.58
N LEU A 1499 13.85 30.41 9.96
CA LEU A 1499 15.05 30.81 9.22
C LEU A 1499 16.08 29.69 9.22
N ASN A 1500 16.27 29.03 10.36
CA ASN A 1500 17.22 27.93 10.42
C ASN A 1500 16.79 26.79 9.51
N VAL A 1501 15.49 26.50 9.48
CA VAL A 1501 14.94 25.47 8.61
C VAL A 1501 15.24 25.79 7.15
N VAL A 1502 14.94 27.01 6.72
CA VAL A 1502 15.20 27.34 5.33
C VAL A 1502 16.69 27.35 5.04
N THR A 1503 17.54 27.61 6.04
CA THR A 1503 18.98 27.50 5.81
C THR A 1503 19.39 26.06 5.55
N MET A 1504 18.95 25.12 6.39
CA MET A 1504 19.25 23.72 6.10
C MET A 1504 18.53 23.23 4.85
N SER A 1505 17.57 23.98 4.35
CA SER A 1505 17.00 23.51 3.10
C SER A 1505 17.81 23.92 1.88
N LEU A 1506 19.08 24.30 2.01
CA LEU A 1506 19.85 24.82 0.89
C LEU A 1506 21.04 23.96 0.49
N GLU A 1507 21.60 23.16 1.41
CA GLU A 1507 22.79 22.38 1.08
C GLU A 1507 22.52 21.46 -0.11
N HIS A 1508 23.47 21.42 -1.03
CA HIS A 1508 23.42 20.51 -2.15
C HIS A 1508 24.84 20.34 -2.70
N TYR A 1509 25.00 19.41 -3.62
CA TYR A 1509 26.32 19.04 -4.13
C TYR A 1509 26.86 20.12 -5.05
N ASN A 1510 28.15 20.42 -4.89
CA ASN A 1510 28.82 21.49 -5.63
C ASN A 1510 28.18 22.86 -5.35
N GLN A 1511 27.90 23.13 -4.07
CA GLN A 1511 27.41 24.44 -3.69
C GLN A 1511 28.56 25.45 -3.62
N PRO A 1512 28.30 26.71 -3.97
CA PRO A 1512 29.39 27.69 -4.07
C PRO A 1512 30.01 27.98 -2.71
N THR A 1513 31.28 28.41 -2.74
CA THR A 1513 32.02 28.68 -1.51
C THR A 1513 31.34 29.75 -0.66
N SER A 1514 30.86 30.81 -1.30
CA SER A 1514 30.12 31.84 -0.59
C SER A 1514 28.93 31.22 0.15
N LEU A 1515 28.37 30.15 -0.38
CA LEU A 1515 27.25 29.50 0.29
C LEU A 1515 27.67 28.85 1.61
N GLU A 1516 28.81 28.14 1.64
CA GLU A 1516 29.24 27.59 2.93
C GLU A 1516 29.57 28.71 3.91
N THR A 1517 30.22 29.78 3.43
CA THR A 1517 30.53 30.86 4.36
C THR A 1517 29.26 31.48 4.93
N ALA A 1518 28.26 31.75 4.08
CA ALA A 1518 27.01 32.34 4.56
C ALA A 1518 26.26 31.40 5.49
N LEU A 1519 26.24 30.11 5.16
CA LEU A 1519 25.55 29.14 6.02
C LEU A 1519 26.23 29.03 7.38
N LYS A 1520 27.57 29.05 7.41
CA LYS A 1520 28.26 29.02 8.70
C LYS A 1520 27.98 30.28 9.49
N TYR A 1521 27.94 31.43 8.81
CA TYR A 1521 27.58 32.68 9.49
C TYR A 1521 26.18 32.60 10.07
N CYS A 1522 25.22 32.07 9.31
CA CYS A 1522 23.85 31.94 9.80
C CYS A 1522 23.79 30.99 10.98
N ASN A 1523 24.53 29.88 10.93
CA ASN A 1523 24.57 28.96 12.05
C ASN A 1523 25.15 29.63 13.30
N TYR A 1524 26.20 30.42 13.12
CA TYR A 1524 26.79 31.13 14.26
C TYR A 1524 25.79 32.12 14.86
N MET A 1525 25.08 32.87 14.00
CA MET A 1525 24.04 33.77 14.49
C MET A 1525 22.96 33.00 15.24
N PHE A 1526 22.56 31.84 14.71
CA PHE A 1526 21.44 31.11 15.29
C PHE A 1526 21.82 30.50 16.62
N THR A 1527 23.01 29.91 16.71
CA THR A 1527 23.46 29.39 18.00
C THR A 1527 23.65 30.53 19.00
N THR A 1528 24.05 31.71 18.52
CA THR A 1528 24.16 32.86 19.40
C THR A 1528 22.80 33.23 19.99
N VAL A 1529 21.78 33.34 19.13
CA VAL A 1529 20.47 33.75 19.65
C VAL A 1529 19.87 32.65 20.52
N PHE A 1530 20.19 31.38 20.25
CA PHE A 1530 19.74 30.30 21.12
C PHE A 1530 20.37 30.42 22.50
N VAL A 1531 21.68 30.70 22.55
CA VAL A 1531 22.32 30.92 23.85
C VAL A 1531 21.69 32.11 24.55
N LEU A 1532 21.40 33.17 23.80
CA LEU A 1532 20.80 34.36 24.41
C LEU A 1532 19.45 34.04 25.04
N GLU A 1533 18.58 33.35 24.31
CA GLU A 1533 17.27 33.02 24.88
C GLU A 1533 17.40 32.05 26.05
N ALA A 1534 18.36 31.12 25.98
CA ALA A 1534 18.59 30.23 27.12
C ALA A 1534 19.01 31.02 28.35
N VAL A 1535 19.91 31.98 28.20
CA VAL A 1535 20.34 32.80 29.33
C VAL A 1535 19.18 33.64 29.85
N LEU A 1536 18.34 34.14 28.94
CA LEU A 1536 17.17 34.89 29.37
C LEU A 1536 16.26 34.03 30.24
N LYS A 1537 16.05 32.78 29.84
CA LYS A 1537 15.28 31.86 30.68
C LYS A 1537 15.98 31.60 32.02
N LEU A 1538 17.30 31.40 31.98
CA LEU A 1538 18.05 31.06 33.19
C LEU A 1538 17.96 32.18 34.21
N VAL A 1539 17.97 33.43 33.75
CA VAL A 1539 17.77 34.55 34.68
C VAL A 1539 16.30 34.80 34.96
N ALA A 1540 15.40 34.33 34.09
CA ALA A 1540 13.98 34.49 34.33
C ALA A 1540 13.53 33.65 35.51
N PHE A 1541 14.04 32.43 35.63
CA PHE A 1541 13.67 31.62 36.79
C PHE A 1541 14.89 30.87 37.31
N GLY A 1542 14.82 30.49 38.57
CA GLY A 1542 15.90 29.75 39.21
C GLY A 1542 15.92 28.29 38.76
N LEU A 1543 16.48 27.46 39.64
CA LEU A 1543 16.75 26.07 39.31
C LEU A 1543 15.50 25.23 39.15
N ARG A 1544 14.37 25.62 39.75
CA ARG A 1544 13.20 24.75 39.76
C ARG A 1544 12.63 24.55 38.36
N ARG A 1545 12.38 25.64 37.64
CA ARG A 1545 11.83 25.53 36.29
C ARG A 1545 12.81 24.88 35.32
N PHE A 1546 14.10 24.83 35.67
CA PHE A 1546 15.08 24.26 34.76
C PHE A 1546 14.77 22.79 34.48
N PHE A 1547 14.28 22.07 35.49
CA PHE A 1547 13.94 20.67 35.34
C PHE A 1547 12.44 20.39 35.26
N LYS A 1548 11.61 21.11 36.04
CA LYS A 1548 10.20 20.76 36.10
C LYS A 1548 9.45 21.14 34.83
N ASP A 1549 10.03 22.02 34.01
CA ASP A 1549 9.35 22.45 32.79
C ASP A 1549 9.27 21.31 31.79
N ARG A 1550 10.24 20.39 31.82
CA ARG A 1550 10.30 19.23 30.94
C ARG A 1550 10.61 19.66 29.50
N TRP A 1551 10.81 20.97 29.30
CA TRP A 1551 11.20 21.53 28.01
C TRP A 1551 12.54 22.24 28.05
N ASN A 1552 12.88 22.87 29.18
CA ASN A 1552 14.15 23.58 29.27
C ASN A 1552 15.34 22.62 29.19
N GLN A 1553 15.16 21.38 29.62
CA GLN A 1553 16.21 20.39 29.40
C GLN A 1553 16.46 20.17 27.92
N LEU A 1554 15.38 20.08 27.13
CA LEU A 1554 15.55 19.96 25.68
C LEU A 1554 16.21 21.19 25.10
N ASP A 1555 15.82 22.38 25.58
CA ASP A 1555 16.44 23.61 25.09
C ASP A 1555 17.94 23.63 25.39
N LEU A 1556 18.30 23.26 26.62
CA LEU A 1556 19.71 23.21 27.00
C LEU A 1556 20.47 22.19 26.19
N ALA A 1557 19.87 21.02 25.94
CA ALA A 1557 20.53 20.02 25.10
C ALA A 1557 20.76 20.55 23.70
N ILE A 1558 19.77 21.23 23.13
CA ILE A 1558 19.91 21.77 21.79
C ILE A 1558 21.04 22.78 21.74
N VAL A 1559 21.05 23.74 22.67
CA VAL A 1559 22.07 24.78 22.64
C VAL A 1559 23.44 24.18 22.96
N LEU A 1560 23.49 23.12 23.76
CA LEU A 1560 24.77 22.52 24.12
C LEU A 1560 25.37 21.74 22.96
N LEU A 1561 24.54 20.99 22.23
CA LEU A 1561 25.03 20.38 21.00
C LEU A 1561 25.45 21.43 19.99
N SER A 1562 24.72 22.54 19.91
CA SER A 1562 25.11 23.60 19.00
C SER A 1562 26.49 24.17 19.36
N VAL A 1563 26.69 24.48 20.63
CA VAL A 1563 27.96 25.08 21.04
C VAL A 1563 29.09 24.06 20.97
N MET A 1564 28.79 22.77 21.16
CA MET A 1564 29.78 21.74 20.90
C MET A 1564 30.16 21.71 19.43
N GLY A 1565 29.17 21.89 18.55
CA GLY A 1565 29.46 21.90 17.12
C GLY A 1565 30.30 23.07 16.70
N ILE A 1566 30.00 24.27 17.19
CA ILE A 1566 30.73 25.45 16.74
C ILE A 1566 32.19 25.38 17.18
N THR A 1567 32.49 24.62 18.23
CA THR A 1567 33.88 24.46 18.63
C THR A 1567 34.64 23.58 17.63
N LEU A 1568 33.92 22.73 16.89
CA LEU A 1568 34.58 21.72 16.08
C LEU A 1568 35.25 22.31 14.85
N GLU A 1569 34.58 23.21 14.12
CA GLU A 1569 35.20 23.72 12.90
C GLU A 1569 36.30 24.72 13.23
N GLU A 1570 36.23 25.34 14.41
CA GLU A 1570 37.35 26.13 14.91
C GLU A 1570 38.63 25.31 14.95
N ILE A 1571 38.54 24.01 15.27
CA ILE A 1571 39.72 23.16 15.29
C ILE A 1571 40.30 23.00 13.91
N GLU A 1572 39.46 22.91 12.88
CA GLU A 1572 39.94 22.70 11.52
C GLU A 1572 40.27 23.98 10.78
N ILE A 1573 39.93 25.14 11.34
CA ILE A 1573 40.36 26.41 10.74
C ILE A 1573 41.85 26.65 10.95
N ASN A 1574 42.32 26.43 12.17
CA ASN A 1574 43.75 26.50 12.48
C ASN A 1574 44.44 25.15 12.41
N ALA A 1575 43.72 24.09 12.01
CA ALA A 1575 44.26 22.72 11.97
C ALA A 1575 44.84 22.32 13.33
N ALA A 1576 44.11 22.66 14.40
CA ALA A 1576 44.61 22.43 15.75
C ALA A 1576 44.80 20.95 16.02
N LEU A 1577 43.84 20.11 15.59
CA LEU A 1577 43.91 18.69 15.87
C LEU A 1577 43.13 17.94 14.79
N PRO A 1578 43.64 16.80 14.32
CA PRO A 1578 42.92 16.05 13.29
C PRO A 1578 41.59 15.50 13.78
N ILE A 1579 40.49 16.00 13.23
CA ILE A 1579 39.15 15.56 13.61
C ILE A 1579 38.63 14.62 12.53
N ASN A 1580 38.08 13.49 12.96
CA ASN A 1580 37.50 12.54 12.03
C ASN A 1580 36.33 13.20 11.30
N PRO A 1581 36.31 13.15 9.96
CA PRO A 1581 35.16 13.72 9.23
C PRO A 1581 33.84 13.07 9.60
N THR A 1582 33.85 11.82 10.05
CA THR A 1582 32.62 11.19 10.52
C THR A 1582 32.02 11.94 11.70
N ILE A 1583 32.88 12.40 12.62
CA ILE A 1583 32.40 13.16 13.77
C ILE A 1583 31.75 14.46 13.33
N ILE A 1584 32.38 15.17 12.39
CA ILE A 1584 31.80 16.41 11.89
C ILE A 1584 30.48 16.15 11.19
N ARG A 1585 30.42 15.08 10.39
CA ARG A 1585 29.17 14.73 9.72
C ARG A 1585 28.07 14.45 10.73
N ILE A 1586 28.39 13.70 11.80
CA ILE A 1586 27.39 13.38 12.81
C ILE A 1586 26.91 14.65 13.50
N MET A 1587 27.84 15.53 13.87
CA MET A 1587 27.45 16.79 14.49
C MET A 1587 26.54 17.59 13.57
N ARG A 1588 26.90 17.71 12.29
CA ARG A 1588 26.11 18.51 11.36
C ARG A 1588 24.72 17.90 11.15
N VAL A 1589 24.64 16.57 11.10
CA VAL A 1589 23.35 15.96 10.81
C VAL A 1589 22.45 15.97 12.05
N LEU A 1590 23.04 16.02 13.24
CA LEU A 1590 22.19 16.12 14.44
C LEU A 1590 22.00 17.54 14.90
N ARG A 1591 22.55 18.54 14.19
CA ARG A 1591 22.07 19.89 14.43
C ARG A 1591 20.58 20.03 14.13
N ILE A 1592 20.01 19.08 13.39
CA ILE A 1592 18.62 19.18 12.96
C ILE A 1592 17.66 19.11 14.14
N ALA A 1593 18.14 18.64 15.30
CA ALA A 1593 17.28 18.47 16.48
C ALA A 1593 16.72 19.79 17.00
N ARG A 1594 17.27 20.93 16.57
CA ARG A 1594 16.71 22.23 16.93
C ARG A 1594 15.30 22.42 16.38
N VAL A 1595 14.89 21.64 15.39
CA VAL A 1595 13.54 21.73 14.85
C VAL A 1595 12.49 21.38 15.91
N LEU A 1596 12.87 20.56 16.89
CA LEU A 1596 11.89 20.01 17.83
C LEU A 1596 11.16 21.08 18.64
N LYS A 1597 11.70 22.29 18.73
CA LYS A 1597 11.08 23.30 19.59
C LYS A 1597 9.72 23.77 19.09
N LEU A 1598 9.37 23.54 17.83
CA LEU A 1598 8.02 23.87 17.38
C LEU A 1598 6.96 23.08 18.12
N LEU A 1599 7.30 21.90 18.66
CA LEU A 1599 6.33 21.13 19.42
C LEU A 1599 5.78 21.90 20.60
N LYS A 1600 6.55 22.84 21.14
CA LYS A 1600 6.03 23.76 22.14
C LYS A 1600 4.90 24.60 21.57
N MET A 1601 5.06 25.10 20.35
CA MET A 1601 4.07 25.97 19.74
C MET A 1601 2.98 25.19 19.01
N ALA A 1602 3.32 24.03 18.46
CA ALA A 1602 2.34 23.21 17.77
C ALA A 1602 1.58 22.33 18.74
N THR A 1603 0.56 22.90 19.39
CA THR A 1603 -0.21 22.15 20.38
C THR A 1603 -0.94 20.97 19.75
N GLY A 1604 -1.32 21.08 18.47
CA GLY A 1604 -1.95 19.96 17.81
C GLY A 1604 -1.02 18.78 17.67
N MET A 1605 0.28 19.04 17.44
CA MET A 1605 1.25 17.96 17.42
C MET A 1605 1.27 17.24 18.74
N ARG A 1606 1.34 18.00 19.83
CA ARG A 1606 1.26 17.42 21.16
C ARG A 1606 0.01 16.56 21.29
N ALA A 1607 -1.14 17.10 20.91
CA ALA A 1607 -2.40 16.39 21.10
C ALA A 1607 -2.44 15.08 20.33
N LEU A 1608 -2.09 15.13 19.04
CA LEU A 1608 -2.16 13.94 18.20
C LEU A 1608 -1.15 12.89 18.64
N LEU A 1609 0.10 13.31 18.89
CA LEU A 1609 1.12 12.35 19.31
C LEU A 1609 0.77 11.76 20.67
N ASP A 1610 0.25 12.55 21.60
CA ASP A 1610 -0.21 11.99 22.86
C ASP A 1610 -1.31 10.96 22.62
N THR A 1611 -2.30 11.32 21.80
CA THR A 1611 -3.36 10.37 21.46
C THR A 1611 -2.80 9.06 20.96
N VAL A 1612 -1.73 9.12 20.18
CA VAL A 1612 -1.00 7.90 19.84
C VAL A 1612 -0.44 7.23 21.10
N VAL A 1613 0.11 8.04 22.01
CA VAL A 1613 0.83 7.49 23.16
C VAL A 1613 -0.10 6.71 24.08
N GLN A 1614 -1.30 7.24 24.36
CA GLN A 1614 -2.19 6.53 25.26
C GLN A 1614 -2.66 5.20 24.68
N ALA A 1615 -2.47 4.98 23.38
CA ALA A 1615 -2.74 3.69 22.76
C ALA A 1615 -1.52 2.78 22.72
N LEU A 1616 -0.39 3.23 23.30
CA LEU A 1616 0.87 2.50 23.24
C LEU A 1616 0.80 1.06 23.77
N PRO A 1617 0.09 0.77 24.87
CA PRO A 1617 0.04 -0.62 25.35
C PRO A 1617 -0.41 -1.63 24.29
N GLN A 1618 -1.59 -1.40 23.73
CA GLN A 1618 -2.17 -2.35 22.79
C GLN A 1618 -1.32 -2.46 21.53
N VAL A 1619 -0.90 -1.32 20.98
CA VAL A 1619 -0.13 -1.36 19.73
C VAL A 1619 1.25 -1.96 19.97
N GLY A 1620 1.80 -1.76 21.16
CA GLY A 1620 3.07 -2.38 21.49
C GLY A 1620 2.95 -3.89 21.62
N ASN A 1621 1.88 -4.35 22.25
CA ASN A 1621 1.62 -5.79 22.29
C ASN A 1621 1.44 -6.36 20.90
N LEU A 1622 0.70 -5.64 20.04
CA LEU A 1622 0.56 -6.05 18.66
C LEU A 1622 1.89 -6.06 17.92
N GLY A 1623 2.77 -5.10 18.22
CA GLY A 1623 4.09 -5.10 17.60
C GLY A 1623 4.94 -6.28 18.04
N LEU A 1624 4.85 -6.63 19.32
CA LEU A 1624 5.55 -7.82 19.80
C LEU A 1624 5.00 -9.07 19.11
N LEU A 1625 3.68 -9.15 18.96
CA LEU A 1625 3.08 -10.26 18.22
C LEU A 1625 3.56 -10.27 16.78
N PHE A 1626 3.69 -9.09 16.18
CA PHE A 1626 4.12 -8.98 14.79
C PHE A 1626 5.56 -9.44 14.62
N MET A 1627 6.42 -9.09 15.58
CA MET A 1627 7.78 -9.61 15.56
C MET A 1627 7.81 -11.12 15.76
N LEU A 1628 6.92 -11.64 16.61
CA LEU A 1628 6.80 -13.09 16.78
C LEU A 1628 6.40 -13.77 15.47
N LEU A 1629 5.44 -13.18 14.76
CA LEU A 1629 5.03 -13.71 13.46
C LEU A 1629 6.19 -13.70 12.49
N PHE A 1630 6.94 -12.60 12.46
CA PHE A 1630 8.12 -12.54 11.61
C PHE A 1630 9.10 -13.64 11.95
N PHE A 1631 9.33 -13.88 13.23
CA PHE A 1631 10.29 -14.90 13.65
C PHE A 1631 9.84 -16.28 13.19
N ILE A 1632 8.57 -16.60 13.43
CA ILE A 1632 8.06 -17.93 13.08
C ILE A 1632 8.14 -18.14 11.58
N TYR A 1633 7.64 -17.18 10.80
CA TYR A 1633 7.68 -17.37 9.36
C TYR A 1633 9.11 -17.31 8.83
N ALA A 1634 10.03 -16.64 9.53
CA ALA A 1634 11.42 -16.67 9.13
C ALA A 1634 12.00 -18.07 9.29
N ALA A 1635 11.71 -18.73 10.40
CA ALA A 1635 12.19 -20.10 10.56
C ALA A 1635 11.58 -21.03 9.52
N LEU A 1636 10.28 -20.89 9.27
CA LEU A 1636 9.64 -21.68 8.22
C LEU A 1636 10.32 -21.44 6.87
N GLY A 1637 10.59 -20.18 6.53
CA GLY A 1637 11.23 -19.89 5.27
C GLY A 1637 12.63 -20.45 5.17
N VAL A 1638 13.39 -20.37 6.27
CA VAL A 1638 14.76 -20.87 6.24
C VAL A 1638 14.77 -22.37 6.00
N GLU A 1639 13.86 -23.11 6.66
CA GLU A 1639 13.87 -24.55 6.44
C GLU A 1639 13.25 -24.95 5.11
N LEU A 1640 12.28 -24.19 4.61
CA LEU A 1640 11.65 -24.54 3.34
C LEU A 1640 12.53 -24.17 2.16
N PHE A 1641 12.86 -22.88 2.04
CA PHE A 1641 13.51 -22.33 0.87
C PHE A 1641 15.00 -22.11 1.07
N GLY A 1642 15.63 -22.85 1.99
CA GLY A 1642 17.01 -22.57 2.34
C GLY A 1642 17.98 -22.84 1.20
N LYS A 1643 17.72 -23.90 0.43
CA LYS A 1643 18.66 -24.36 -0.59
C LYS A 1643 18.52 -23.61 -1.91
N LEU A 1644 17.59 -22.65 -2.02
CA LEU A 1644 17.38 -21.93 -3.26
C LEU A 1644 18.55 -20.98 -3.50
N VAL A 1645 19.37 -21.29 -4.49
CA VAL A 1645 20.57 -20.51 -4.77
C VAL A 1645 20.24 -19.43 -5.79
N CYS A 1646 20.90 -18.28 -5.65
CA CYS A 1646 20.75 -17.17 -6.58
C CYS A 1646 22.09 -16.93 -7.28
N ASN A 1647 22.09 -17.01 -8.60
CA ASN A 1647 23.29 -16.79 -9.39
C ASN A 1647 22.88 -16.44 -10.82
N ASP A 1648 23.87 -16.36 -11.71
CA ASP A 1648 23.58 -16.12 -13.12
C ASP A 1648 22.79 -17.28 -13.73
N GLU A 1649 23.14 -18.51 -13.35
CA GLU A 1649 22.42 -19.69 -13.85
C GLU A 1649 20.97 -19.70 -13.39
N ASN A 1650 20.65 -19.01 -12.30
CA ASN A 1650 19.30 -18.97 -11.74
C ASN A 1650 18.89 -17.52 -11.59
N PRO A 1651 18.29 -16.94 -12.64
CA PRO A 1651 17.93 -15.52 -12.58
C PRO A 1651 16.93 -15.20 -11.47
N CYS A 1652 17.24 -14.19 -10.67
CA CYS A 1652 16.39 -13.82 -9.55
C CYS A 1652 15.62 -12.53 -9.88
N GLU A 1653 14.31 -12.58 -9.70
CA GLU A 1653 13.46 -11.40 -9.89
C GLU A 1653 13.06 -10.72 -8.61
N GLY A 1654 12.94 -11.46 -7.50
CA GLY A 1654 12.57 -10.84 -6.25
C GLY A 1654 13.69 -10.68 -5.25
N MET A 1655 14.53 -11.70 -5.09
CA MET A 1655 15.59 -11.70 -4.08
C MET A 1655 16.92 -11.38 -4.78
N SER A 1656 17.39 -10.15 -4.64
CA SER A 1656 18.57 -9.75 -5.40
C SER A 1656 19.88 -10.15 -4.71
N ARG A 1657 20.20 -9.53 -3.59
CA ARG A 1657 21.47 -9.82 -2.94
C ARG A 1657 21.35 -10.25 -1.49
N HIS A 1658 20.62 -9.47 -0.68
CA HIS A 1658 20.41 -9.81 0.72
C HIS A 1658 18.96 -10.19 1.01
N ALA A 1659 18.13 -10.28 -0.01
CA ALA A 1659 16.75 -10.71 0.15
C ALA A 1659 16.57 -12.21 -0.02
N THR A 1660 17.66 -12.96 -0.09
CA THR A 1660 17.55 -14.40 -0.29
C THR A 1660 17.24 -15.12 1.01
N PHE A 1661 16.99 -16.41 0.90
CA PHE A 1661 16.61 -17.24 2.05
C PHE A 1661 17.76 -18.10 2.57
N GLU A 1662 19.02 -17.70 2.35
CA GLU A 1662 20.13 -18.54 2.81
C GLU A 1662 20.23 -18.51 4.34
N ASN A 1663 20.59 -17.37 4.90
CA ASN A 1663 20.78 -17.24 6.33
C ASN A 1663 19.43 -16.87 6.97
N PHE A 1664 19.45 -16.51 8.25
CA PHE A 1664 18.22 -16.15 8.94
C PHE A 1664 17.97 -14.64 8.87
N GLY A 1665 19.03 -13.84 8.98
CA GLY A 1665 18.86 -12.40 8.86
C GLY A 1665 18.33 -11.97 7.51
N MET A 1666 18.87 -12.55 6.43
CA MET A 1666 18.33 -12.27 5.11
C MET A 1666 16.89 -12.72 4.98
N ALA A 1667 16.52 -13.88 5.52
CA ALA A 1667 15.13 -14.28 5.58
C ALA A 1667 14.26 -13.27 6.31
N PHE A 1668 14.74 -12.72 7.41
CA PHE A 1668 13.98 -11.69 8.10
C PHE A 1668 13.79 -10.48 7.19
N LEU A 1669 14.84 -10.09 6.47
CA LEU A 1669 14.72 -8.95 5.56
C LEU A 1669 13.70 -9.22 4.46
N THR A 1670 13.72 -10.41 3.87
CA THR A 1670 12.81 -10.68 2.77
C THR A 1670 11.37 -10.85 3.25
N LEU A 1671 11.15 -11.41 4.44
CA LEU A 1671 9.81 -11.39 5.00
C LEU A 1671 9.35 -9.96 5.28
N PHE A 1672 10.26 -9.09 5.72
CA PHE A 1672 9.87 -7.70 5.92
C PHE A 1672 9.50 -7.06 4.59
N GLN A 1673 10.22 -7.40 3.52
CA GLN A 1673 9.91 -6.85 2.21
C GLN A 1673 8.57 -7.36 1.70
N VAL A 1674 8.29 -8.64 1.92
CA VAL A 1674 6.98 -9.20 1.55
C VAL A 1674 5.88 -8.49 2.32
N SER A 1675 6.09 -8.26 3.62
CA SER A 1675 5.06 -7.66 4.45
C SER A 1675 4.75 -6.22 4.04
N THR A 1676 5.59 -5.62 3.20
CA THR A 1676 5.35 -4.28 2.71
C THR A 1676 4.82 -4.24 1.29
N GLY A 1677 4.46 -5.38 0.72
CA GLY A 1677 3.85 -5.41 -0.60
C GLY A 1677 4.70 -4.81 -1.69
N ASP A 1678 5.99 -5.11 -1.72
CA ASP A 1678 6.89 -4.60 -2.76
C ASP A 1678 7.59 -5.77 -3.42
N ASN A 1679 7.19 -6.07 -4.65
CA ASN A 1679 7.84 -7.09 -5.48
C ASN A 1679 7.82 -8.46 -4.81
N TRP A 1680 6.90 -8.66 -3.88
CA TRP A 1680 6.79 -9.95 -3.22
C TRP A 1680 6.32 -11.04 -4.19
N ASN A 1681 5.46 -10.67 -5.14
CA ASN A 1681 5.13 -11.61 -6.21
C ASN A 1681 6.38 -12.02 -6.97
N GLY A 1682 7.35 -11.12 -7.09
CA GLY A 1682 8.64 -11.51 -7.65
C GLY A 1682 9.32 -12.56 -6.80
N ILE A 1683 9.18 -12.45 -5.47
CA ILE A 1683 9.78 -13.45 -4.59
C ILE A 1683 9.11 -14.80 -4.80
N MET A 1684 7.79 -14.81 -4.94
CA MET A 1684 7.16 -16.08 -5.32
C MET A 1684 7.65 -16.58 -6.68
N LYS A 1685 7.77 -15.70 -7.67
CA LYS A 1685 8.22 -16.15 -8.98
C LYS A 1685 9.60 -16.79 -8.90
N ASP A 1686 10.47 -16.25 -8.04
CA ASP A 1686 11.77 -16.87 -7.83
C ASP A 1686 11.64 -18.21 -7.12
N THR A 1687 10.89 -18.24 -6.01
CA THR A 1687 10.92 -19.43 -5.15
C THR A 1687 10.33 -20.64 -5.85
N LEU A 1688 9.17 -20.51 -6.47
CA LEU A 1688 8.62 -21.58 -7.29
C LEU A 1688 9.32 -21.52 -8.64
N ARG A 1689 10.15 -22.52 -8.92
CA ARG A 1689 10.99 -22.49 -10.11
C ARG A 1689 11.48 -23.89 -10.40
N ASP A 1690 11.13 -24.42 -11.57
CA ASP A 1690 11.65 -25.71 -11.99
C ASP A 1690 13.12 -25.56 -12.39
N CYS A 1691 14.02 -26.03 -11.52
CA CYS A 1691 15.44 -25.79 -11.69
C CYS A 1691 16.03 -26.79 -12.68
N THR A 1692 17.35 -26.75 -12.83
CA THR A 1692 18.05 -27.67 -13.73
C THR A 1692 18.50 -28.93 -12.98
N HIS A 1693 17.55 -29.53 -12.24
CA HIS A 1693 17.73 -30.82 -11.59
C HIS A 1693 18.91 -30.85 -10.63
N ASP A 1694 19.49 -29.69 -10.29
CA ASP A 1694 20.64 -29.66 -9.41
C ASP A 1694 20.30 -29.90 -7.95
N GLU A 1695 19.02 -29.83 -7.58
CA GLU A 1695 18.62 -30.01 -6.20
C GLU A 1695 17.16 -30.43 -6.13
N ARG A 1696 16.81 -31.14 -5.07
CA ARG A 1696 15.46 -31.69 -4.95
C ARG A 1696 14.44 -30.62 -4.62
N SER A 1697 14.88 -29.44 -4.16
CA SER A 1697 13.93 -28.40 -3.75
C SER A 1697 13.06 -27.95 -4.92
N CYS A 1698 13.68 -27.72 -6.09
CA CYS A 1698 12.91 -27.30 -7.25
C CYS A 1698 11.95 -28.39 -7.71
N LEU A 1699 12.40 -29.64 -7.70
CA LEU A 1699 11.60 -30.76 -8.17
C LEU A 1699 10.64 -31.29 -7.11
N SER A 1700 10.67 -30.74 -5.90
CA SER A 1700 9.82 -31.22 -4.82
C SER A 1700 8.40 -30.68 -4.95
N SER A 1701 7.62 -30.80 -3.88
CA SER A 1701 6.25 -30.31 -3.84
C SER A 1701 6.17 -28.85 -3.42
N LEU A 1702 7.24 -28.08 -3.67
CA LEU A 1702 7.25 -26.66 -3.34
C LEU A 1702 6.07 -25.91 -3.94
N GLN A 1703 5.61 -26.30 -5.13
CA GLN A 1703 4.47 -25.63 -5.73
C GLN A 1703 3.22 -25.74 -4.87
N PHE A 1704 3.11 -26.80 -4.08
CA PHE A 1704 1.92 -26.97 -3.25
C PHE A 1704 2.00 -26.15 -1.97
N VAL A 1705 3.18 -25.65 -1.61
CA VAL A 1705 3.38 -25.08 -0.29
C VAL A 1705 3.78 -23.61 -0.33
N SER A 1706 4.67 -23.19 -1.22
CA SER A 1706 5.12 -21.81 -1.22
C SER A 1706 3.99 -20.80 -1.42
N PRO A 1707 3.05 -20.98 -2.35
CA PRO A 1707 1.93 -20.02 -2.41
C PRO A 1707 1.15 -19.97 -1.10
N LEU A 1708 0.96 -21.12 -0.45
CA LEU A 1708 0.31 -21.11 0.86
C LEU A 1708 1.11 -20.29 1.86
N TYR A 1709 2.44 -20.47 1.87
CA TYR A 1709 3.31 -19.67 2.72
C TYR A 1709 3.06 -18.18 2.53
N PHE A 1710 3.22 -17.70 1.30
CA PHE A 1710 3.17 -16.26 1.09
C PHE A 1710 1.76 -15.72 1.29
N VAL A 1711 0.73 -16.48 0.90
CA VAL A 1711 -0.64 -16.03 1.10
C VAL A 1711 -0.93 -15.89 2.59
N SER A 1712 -0.59 -16.92 3.37
CA SER A 1712 -0.84 -16.85 4.80
C SER A 1712 -0.09 -15.69 5.43
N PHE A 1713 1.17 -15.48 5.03
CA PHE A 1713 1.94 -14.41 5.65
C PHE A 1713 1.36 -13.04 5.32
N VAL A 1714 1.04 -12.81 4.04
CA VAL A 1714 0.47 -11.53 3.66
C VAL A 1714 -0.82 -11.27 4.43
N LEU A 1715 -1.69 -12.28 4.48
CA LEU A 1715 -2.99 -12.09 5.15
C LEU A 1715 -2.80 -11.80 6.63
N THR A 1716 -1.97 -12.59 7.32
CA THR A 1716 -1.81 -12.39 8.76
C THR A 1716 -1.16 -11.05 9.07
N ALA A 1717 -0.13 -10.67 8.31
CA ALA A 1717 0.52 -9.38 8.56
C ALA A 1717 -0.44 -8.23 8.32
N GLN A 1718 -1.21 -8.29 7.23
CA GLN A 1718 -2.16 -7.22 6.96
C GLN A 1718 -3.23 -7.16 8.04
N PHE A 1719 -3.68 -8.31 8.54
CA PHE A 1719 -4.68 -8.30 9.59
C PHE A 1719 -4.14 -7.69 10.88
N VAL A 1720 -2.91 -8.03 11.24
CA VAL A 1720 -2.33 -7.48 12.46
C VAL A 1720 -2.18 -5.96 12.33
N LEU A 1721 -1.71 -5.50 11.17
CA LEU A 1721 -1.59 -4.05 10.99
C LEU A 1721 -2.95 -3.36 11.01
N ILE A 1722 -3.97 -3.99 10.42
CA ILE A 1722 -5.31 -3.43 10.47
C ILE A 1722 -5.78 -3.27 11.90
N ASN A 1723 -5.51 -4.27 12.74
CA ASN A 1723 -5.92 -4.15 14.14
C ASN A 1723 -5.11 -3.11 14.89
N VAL A 1724 -3.83 -2.93 14.55
CA VAL A 1724 -3.07 -1.80 15.11
C VAL A 1724 -3.77 -0.49 14.78
N VAL A 1725 -4.14 -0.32 13.52
CA VAL A 1725 -4.81 0.90 13.08
C VAL A 1725 -6.11 1.09 13.83
N VAL A 1726 -6.88 0.01 13.98
CA VAL A 1726 -8.16 0.10 14.66
C VAL A 1726 -7.96 0.53 16.11
N ALA A 1727 -6.94 -0.03 16.77
CA ALA A 1727 -6.68 0.35 18.15
C ALA A 1727 -6.36 1.84 18.27
N VAL A 1728 -5.49 2.34 17.37
CA VAL A 1728 -5.16 3.76 17.41
C VAL A 1728 -6.40 4.61 17.17
N LEU A 1729 -7.22 4.23 16.18
CA LEU A 1729 -8.43 4.99 15.87
C LEU A 1729 -9.36 5.04 17.06
N MET A 1730 -9.54 3.89 17.73
CA MET A 1730 -10.46 3.83 18.86
C MET A 1730 -9.96 4.65 20.04
N LYS A 1731 -8.65 4.63 20.29
CA LYS A 1731 -8.12 5.51 21.31
C LYS A 1731 -8.37 6.97 20.94
N HIS A 1732 -8.25 7.31 19.66
CA HIS A 1732 -8.52 8.68 19.25
C HIS A 1732 -9.98 9.06 19.50
N LEU A 1733 -10.91 8.15 19.18
CA LEU A 1733 -12.31 8.43 19.46
C LEU A 1733 -12.56 8.61 20.95
N ASP A 1734 -11.95 7.76 21.77
CA ASP A 1734 -12.11 7.87 23.21
C ASP A 1734 -11.62 9.22 23.71
N ASP A 1735 -10.46 9.66 23.24
CA ASP A 1735 -9.95 10.97 23.64
C ASP A 1735 -10.84 12.09 23.11
N SER A 1736 -11.39 11.92 21.91
CA SER A 1736 -12.27 12.93 21.33
C SER A 1736 -13.53 13.11 22.17
N ASN A 1737 -14.11 12.02 22.66
CA ASN A 1737 -15.25 12.14 23.55
C ASN A 1737 -14.88 12.91 24.83
N LYS A 1738 -13.62 12.86 25.22
CA LYS A 1738 -13.15 13.60 26.38
C LYS A 1738 -12.59 14.95 25.99
#